data_6VEB
#
_entry.id   6VEB
#
_cell.length_a   59.682
_cell.length_b   99.489
_cell.length_c   146.037
_cell.angle_alpha   90.000
_cell.angle_beta   90.000
_cell.angle_gamma   90.000
#
_symmetry.space_group_name_H-M   'P 21 21 21'
#
loop_
_entity.id
_entity.type
_entity.pdbx_description
1 polymer 'Siroheme synthase'
2 non-polymer S-ADENOSYL-L-HOMOCYSTEINE
3 non-polymer NICOTINAMIDE-ADENINE-DINUCLEOTIDE
4 non-polymer 'CHLORIDE ION'
5 non-polymer "3,3',3'',3'''-[(7S,8S,12S,13S)-3,8,13,17-tetrakis(carboxymethyl)-8,13-dimethyl-7,8,12,13,20,24-hexahydroporphyrin-2,7,1 2,18-tetrayl]tetrapropanoic acid"
6 water water
#
_entity_poly.entity_id   1
_entity_poly.type   'polypeptide(L)'
_entity_poly.pdbx_seq_one_letter_code
;MDHLPIFCQLRDRDCLIVGGGDVAERKARLLLEAGARLTVNALTFIPQFTVWANEGMLTLVEGPFDETLLDSCWLAIAAT
DDDTVNQRVSDAAESRRIFCNVVDAPKAASFIMPSIIDRSPLMVAVSAGGTSPVLARLLREKLESLLPQHLGQVARYAGQ
LRARVKKQFATMGERRRFWEKFFVNDRLAQSLANADEKAVNATTERLFSEPLDHRGEVVLVGAGPGDAGLLTLKGLQQIQ
QADIVVYDRLVSDDIMNLVRRDADRVFVGKRAGYHCVPQEEINQILLREAQKGKRVVRLKGGDPFIFGRGGEELETLCHA
GIPFSVVPGITAASGCSAYSGIPLTHRDYAQSVRLVTGHLKTGGELDWENLAAEKQTLVFYMGLNQAATIQEKLIAFGMQ
ADMPVALVENGTSVKQRVVHGVLTQLGELAQQVESPALIIVGRVVALRDKLNWFSNH
;
_entity_poly.pdbx_strand_id   A,B
#
# COMPACT_ATOMS: atom_id res chain seq x y z
N MET A 1 -9.35 -4.45 -13.63
CA MET A 1 -10.32 -3.71 -12.86
C MET A 1 -11.68 -3.86 -13.50
N ASP A 2 -12.73 -3.68 -12.70
CA ASP A 2 -14.11 -3.76 -13.22
C ASP A 2 -14.39 -2.63 -14.18
N HIS A 3 -13.94 -1.42 -13.86
CA HIS A 3 -14.26 -0.24 -14.64
C HIS A 3 -13.01 0.59 -14.79
N LEU A 4 -13.07 1.51 -15.73
CA LEU A 4 -12.06 2.54 -15.86
C LEU A 4 -12.70 3.88 -15.54
N PRO A 5 -12.31 4.52 -14.43
CA PRO A 5 -12.82 5.86 -14.13
C PRO A 5 -12.19 6.90 -15.05
N ILE A 6 -13.03 7.79 -15.56
CA ILE A 6 -12.57 8.92 -16.36
C ILE A 6 -13.38 10.15 -15.98
N PHE A 7 -12.82 11.31 -16.27
CA PHE A 7 -13.49 12.57 -16.02
C PHE A 7 -13.75 13.22 -17.37
N CYS A 8 -15.03 13.28 -17.74
CA CYS A 8 -15.49 13.80 -19.02
C CYS A 8 -15.68 15.29 -19.01
N GLN A 9 -15.26 15.92 -20.10
CA GLN A 9 -15.66 17.29 -20.44
C GLN A 9 -16.97 17.20 -21.21
N LEU A 10 -18.09 17.55 -20.56
CA LEU A 10 -19.38 17.50 -21.22
C LEU A 10 -19.89 18.84 -21.68
N ARG A 11 -19.11 19.92 -21.51
CA ARG A 11 -19.58 21.26 -21.87
C ARG A 11 -19.94 21.31 -23.34
N ASP A 12 -21.20 21.65 -23.62
CA ASP A 12 -21.67 21.87 -24.98
C ASP A 12 -21.69 20.57 -25.80
N ARG A 13 -21.82 19.42 -25.13
CA ARG A 13 -21.88 18.14 -25.81
C ARG A 13 -23.25 17.48 -25.59
N ASP A 14 -23.85 16.96 -26.68
CA ASP A 14 -25.19 16.40 -26.59
C ASP A 14 -25.22 15.16 -25.68
N CYS A 15 -26.14 15.17 -24.71
CA CYS A 15 -26.46 14.01 -23.89
C CYS A 15 -27.96 13.78 -23.87
N LEU A 16 -28.33 12.51 -23.83
CA LEU A 16 -29.73 12.11 -23.85
C LEU A 16 -30.08 11.36 -22.57
N ILE A 17 -31.18 11.77 -21.95
CA ILE A 17 -31.83 11.03 -20.87
C ILE A 17 -33.19 10.54 -21.35
N VAL A 18 -33.41 9.24 -21.27
CA VAL A 18 -34.74 8.65 -21.49
C VAL A 18 -35.30 8.33 -20.12
N GLY A 19 -36.47 8.87 -19.82
CA GLY A 19 -37.07 8.80 -18.49
C GLY A 19 -37.38 10.20 -18.00
N GLY A 20 -38.44 10.36 -17.22
CA GLY A 20 -38.83 11.69 -16.75
C GLY A 20 -39.16 11.87 -15.28
N GLY A 21 -38.87 10.89 -14.44
CA GLY A 21 -39.20 10.95 -13.02
C GLY A 21 -38.06 11.36 -12.11
N ASP A 22 -38.10 10.84 -10.87
CA ASP A 22 -37.16 11.26 -9.84
C ASP A 22 -35.73 10.86 -10.17
N VAL A 23 -35.54 9.66 -10.73
CA VAL A 23 -34.21 9.21 -11.12
C VAL A 23 -33.68 10.06 -12.27
N ALA A 24 -34.51 10.24 -13.31
CA ALA A 24 -34.14 11.11 -14.43
C ALA A 24 -33.71 12.47 -13.95
N GLU A 25 -34.50 13.07 -13.05
CA GLU A 25 -34.19 14.39 -12.49
C GLU A 25 -32.79 14.43 -11.89
N ARG A 26 -32.48 13.48 -10.99
CA ARG A 26 -31.19 13.52 -10.31
C ARG A 26 -30.04 13.45 -11.31
N LYS A 27 -30.12 12.53 -12.29
CA LYS A 27 -29.07 12.47 -13.31
CA LYS A 27 -29.06 12.46 -13.30
C LYS A 27 -28.98 13.75 -14.11
N ALA A 28 -30.14 14.34 -14.45
CA ALA A 28 -30.15 15.53 -15.27
C ALA A 28 -29.46 16.70 -14.58
N ARG A 29 -29.69 16.84 -13.27
CA ARG A 29 -29.01 17.86 -12.47
C ARG A 29 -27.49 17.71 -12.62
N LEU A 30 -26.98 16.50 -12.38
CA LEU A 30 -25.58 16.21 -12.66
C LEU A 30 -25.16 16.71 -14.04
N LEU A 31 -25.88 16.28 -15.10
CA LEU A 31 -25.41 16.61 -16.46
C LEU A 31 -25.48 18.10 -16.71
N LEU A 32 -26.49 18.77 -16.14
CA LEU A 32 -26.58 20.21 -16.34
C LEU A 32 -25.38 20.90 -15.72
N GLU A 33 -25.01 20.54 -14.49
CA GLU A 33 -23.88 21.19 -13.85
C GLU A 33 -22.56 20.91 -14.57
N ALA A 34 -22.40 19.74 -15.18
CA ALA A 34 -21.24 19.54 -16.04
C ALA A 34 -21.36 20.29 -17.38
N GLY A 35 -22.45 20.99 -17.62
CA GLY A 35 -22.55 21.77 -18.83
C GLY A 35 -23.02 21.01 -20.04
N ALA A 36 -23.67 19.87 -19.86
CA ALA A 36 -24.12 19.09 -21.01
C ALA A 36 -25.23 19.83 -21.73
N ARG A 37 -25.30 19.63 -23.05
CA ARG A 37 -26.46 20.02 -23.85
C ARG A 37 -27.42 18.83 -23.84
N LEU A 38 -28.48 18.95 -23.04
CA LEU A 38 -29.22 17.81 -22.51
C LEU A 38 -30.61 17.72 -23.11
N THR A 39 -30.96 16.55 -23.62
CA THR A 39 -32.32 16.27 -24.07
C THR A 39 -32.89 15.15 -23.21
N VAL A 40 -34.17 15.30 -22.88
CA VAL A 40 -34.86 14.35 -22.02
C VAL A 40 -36.08 13.89 -22.79
N ASN A 41 -36.18 12.59 -22.98
CA ASN A 41 -37.16 11.96 -23.83
C ASN A 41 -37.96 11.03 -22.94
N ALA A 42 -39.22 11.40 -22.64
CA ALA A 42 -40.00 10.62 -21.70
C ALA A 42 -41.49 10.70 -22.01
N LEU A 43 -42.20 9.65 -21.61
CA LEU A 43 -43.66 9.65 -21.71
C LEU A 43 -44.26 10.76 -20.86
N THR A 44 -43.90 10.84 -19.58
CA THR A 44 -44.41 11.83 -18.66
C THR A 44 -43.23 12.44 -17.91
N PHE A 45 -43.44 13.64 -17.38
CA PHE A 45 -42.38 14.39 -16.72
C PHE A 45 -42.88 14.90 -15.37
N ILE A 46 -42.01 14.81 -14.36
CA ILE A 46 -42.30 15.43 -13.07
C ILE A 46 -42.04 16.93 -13.19
N PRO A 47 -42.53 17.75 -12.27
CA PRO A 47 -42.56 19.20 -12.52
C PRO A 47 -41.18 19.82 -12.71
N GLN A 48 -40.15 19.35 -12.01
CA GLN A 48 -38.83 19.94 -12.16
C GLN A 48 -38.43 20.07 -13.63
N PHE A 49 -38.83 19.12 -14.49
CA PHE A 49 -38.47 19.22 -15.90
C PHE A 49 -39.12 20.41 -16.57
N THR A 50 -40.41 20.64 -16.27
CA THR A 50 -41.08 21.85 -16.73
C THR A 50 -40.30 23.10 -16.35
N VAL A 51 -39.87 23.16 -15.10
CA VAL A 51 -39.07 24.29 -14.60
C VAL A 51 -37.87 24.51 -15.51
N TRP A 52 -37.06 23.45 -15.70
CA TRP A 52 -35.84 23.56 -16.50
C TRP A 52 -36.15 23.91 -17.95
N ALA A 53 -37.21 23.35 -18.50
CA ALA A 53 -37.52 23.58 -19.90
C ALA A 53 -37.98 25.02 -20.13
N ASN A 54 -38.66 25.62 -19.15
CA ASN A 54 -39.16 26.96 -19.32
C ASN A 54 -38.05 28.01 -19.28
N GLU A 55 -36.96 27.73 -18.57
CA GLU A 55 -35.83 28.64 -18.53
C GLU A 55 -34.70 28.22 -19.46
N GLY A 56 -35.01 27.41 -20.47
CA GLY A 56 -34.07 27.13 -21.55
C GLY A 56 -32.83 26.34 -21.16
N MET A 57 -32.95 25.41 -20.22
CA MET A 57 -31.78 24.67 -19.79
C MET A 57 -31.68 23.27 -20.36
N LEU A 58 -32.77 22.72 -20.91
CA LEU A 58 -32.71 21.48 -21.63
C LEU A 58 -33.86 21.45 -22.63
N THR A 59 -33.84 20.45 -23.50
CA THR A 59 -34.92 20.16 -24.42
C THR A 59 -35.70 18.95 -23.91
N LEU A 60 -37.04 19.08 -23.85
CA LEU A 60 -37.93 17.96 -23.52
C LEU A 60 -38.51 17.37 -24.81
N VAL A 61 -38.52 16.04 -24.90
CA VAL A 61 -39.14 15.33 -26.01
C VAL A 61 -40.15 14.40 -25.38
N GLU A 62 -41.43 14.79 -25.45
CA GLU A 62 -42.50 14.09 -24.77
C GLU A 62 -43.04 13.00 -25.67
N GLY A 63 -42.88 11.74 -25.25
CA GLY A 63 -43.36 10.62 -26.00
C GLY A 63 -42.43 9.42 -25.92
N PRO A 64 -42.77 8.36 -26.64
CA PRO A 64 -41.97 7.13 -26.57
C PRO A 64 -40.53 7.36 -27.03
N PHE A 65 -39.68 6.39 -26.71
CA PHE A 65 -38.27 6.46 -27.07
C PHE A 65 -38.06 6.68 -28.57
N ASP A 66 -37.22 7.66 -28.89
CA ASP A 66 -36.83 7.98 -30.27
C ASP A 66 -35.31 7.79 -30.39
N GLU A 67 -34.89 6.61 -30.86
CA GLU A 67 -33.46 6.31 -30.88
C GLU A 67 -32.66 7.29 -31.74
N THR A 68 -33.29 7.93 -32.74
CA THR A 68 -32.53 8.93 -33.49
C THR A 68 -32.05 10.07 -32.60
N LEU A 69 -32.70 10.28 -31.44
CA LEU A 69 -32.20 11.27 -30.49
C LEU A 69 -30.79 10.94 -30.00
N LEU A 70 -30.37 9.69 -30.07
CA LEU A 70 -29.02 9.33 -29.68
C LEU A 70 -27.96 9.83 -30.66
N ASP A 71 -28.36 10.14 -31.90
CA ASP A 71 -27.41 10.22 -33.01
C ASP A 71 -26.23 11.15 -32.74
N SER A 72 -26.45 12.25 -32.03
CA SER A 72 -25.41 13.26 -31.86
C SER A 72 -24.75 13.21 -30.49
N CYS A 73 -24.90 12.10 -29.78
CA CYS A 73 -24.75 12.11 -28.34
C CYS A 73 -23.44 11.45 -27.91
N TRP A 74 -22.85 11.99 -26.84
CA TRP A 74 -21.66 11.41 -26.20
C TRP A 74 -22.02 10.49 -25.04
N LEU A 75 -23.13 10.76 -24.37
CA LEU A 75 -23.56 9.96 -23.24
C LEU A 75 -25.07 9.79 -23.29
N ALA A 76 -25.53 8.63 -22.84
CA ALA A 76 -26.96 8.35 -22.72
C ALA A 76 -27.23 7.74 -21.36
N ILE A 77 -28.39 8.07 -20.80
CA ILE A 77 -28.84 7.50 -19.53
C ILE A 77 -30.27 6.98 -19.72
N ALA A 78 -30.46 5.69 -19.44
CA ALA A 78 -31.77 5.05 -19.46
C ALA A 78 -32.36 5.09 -18.05
N ALA A 79 -33.31 6.01 -17.80
CA ALA A 79 -33.90 6.19 -16.48
C ALA A 79 -35.42 6.01 -16.47
N THR A 80 -35.96 5.11 -17.28
CA THR A 80 -37.38 4.81 -17.20
C THR A 80 -37.60 3.70 -16.18
N ASP A 81 -38.88 3.44 -15.85
CA ASP A 81 -39.22 2.32 -14.98
C ASP A 81 -39.49 1.04 -15.74
N ASP A 82 -39.23 1.06 -17.04
CA ASP A 82 -39.62 -0.02 -17.95
C ASP A 82 -38.33 -0.66 -18.45
N ASP A 83 -38.08 -1.90 -17.99
CA ASP A 83 -36.87 -2.60 -18.34
C ASP A 83 -36.73 -2.74 -19.85
N THR A 84 -37.85 -2.95 -20.53
CA THR A 84 -37.84 -3.10 -21.97
C THR A 84 -37.38 -1.83 -22.67
N VAL A 85 -37.96 -0.69 -22.29
CA VAL A 85 -37.55 0.56 -22.90
C VAL A 85 -36.08 0.84 -22.62
N ASN A 86 -35.66 0.60 -21.37
CA ASN A 86 -34.26 0.77 -20.99
C ASN A 86 -33.34 -0.13 -21.81
N GLN A 87 -33.78 -1.36 -22.10
CA GLN A 87 -32.88 -2.19 -22.89
C GLN A 87 -32.83 -1.73 -24.34
N ARG A 88 -33.95 -1.21 -24.86
CA ARG A 88 -33.91 -0.65 -26.21
C ARG A 88 -32.94 0.52 -26.25
N VAL A 89 -32.99 1.38 -25.24
CA VAL A 89 -32.06 2.50 -25.14
C VAL A 89 -30.62 1.99 -25.03
N SER A 90 -30.39 0.97 -24.21
CA SER A 90 -29.07 0.41 -24.07
C SER A 90 -28.55 -0.13 -25.41
N ASP A 91 -29.34 -0.95 -26.10
CA ASP A 91 -28.97 -1.45 -27.42
C ASP A 91 -28.70 -0.33 -28.40
N ALA A 92 -29.63 0.60 -28.52
CA ALA A 92 -29.44 1.70 -29.45
C ALA A 92 -28.13 2.44 -29.17
N ALA A 93 -27.76 2.57 -27.89
CA ALA A 93 -26.53 3.27 -27.55
C ALA A 93 -25.30 2.44 -27.89
N GLU A 94 -25.37 1.13 -27.66
CA GLU A 94 -24.20 0.30 -27.93
C GLU A 94 -23.87 0.31 -29.41
N SER A 95 -24.88 0.27 -30.28
N SER A 95 -24.89 0.22 -30.27
CA SER A 95 -24.59 0.22 -31.70
CA SER A 95 -24.69 0.26 -31.70
C SER A 95 -24.04 1.55 -32.24
C SER A 95 -23.94 1.51 -32.12
N ARG A 96 -24.31 2.66 -31.56
CA ARG A 96 -23.67 3.94 -31.82
C ARG A 96 -22.35 4.14 -31.07
N ARG A 97 -21.97 3.18 -30.20
CA ARG A 97 -20.81 3.30 -29.29
C ARG A 97 -20.90 4.51 -28.36
N ILE A 98 -22.09 4.82 -27.87
CA ILE A 98 -22.29 5.86 -26.86
C ILE A 98 -22.31 5.19 -25.48
N PHE A 99 -21.44 5.63 -24.59
CA PHE A 99 -21.47 5.10 -23.23
C PHE A 99 -22.83 5.36 -22.59
N CYS A 100 -23.36 4.32 -21.95
CA CYS A 100 -24.74 4.23 -21.54
C CYS A 100 -24.83 3.76 -20.11
N ASN A 101 -25.61 4.48 -19.31
CA ASN A 101 -25.93 4.02 -17.97
C ASN A 101 -27.41 3.64 -17.88
N VAL A 102 -27.68 2.51 -17.25
CA VAL A 102 -29.04 2.05 -16.97
C VAL A 102 -29.17 2.02 -15.46
N VAL A 103 -29.85 3.03 -14.92
CA VAL A 103 -29.85 3.31 -13.48
C VAL A 103 -30.21 2.09 -12.65
N ASP A 104 -31.15 1.27 -13.13
CA ASP A 104 -31.60 0.11 -12.38
C ASP A 104 -30.71 -1.12 -12.56
N ALA A 105 -29.59 -1.01 -13.26
CA ALA A 105 -28.94 -2.19 -13.83
C ALA A 105 -27.45 -1.91 -14.00
N PRO A 106 -26.71 -1.86 -12.89
CA PRO A 106 -25.27 -1.60 -12.97
C PRO A 106 -24.52 -2.54 -13.90
N LYS A 107 -24.79 -3.84 -13.81
CA LYS A 107 -24.10 -4.83 -14.64
C LYS A 107 -24.41 -4.70 -16.14
N ALA A 108 -25.47 -4.00 -16.54
CA ALA A 108 -25.82 -3.93 -17.95
C ALA A 108 -25.44 -2.60 -18.60
N ALA A 109 -25.02 -1.62 -17.81
CA ALA A 109 -24.61 -0.37 -18.42
C ALA A 109 -23.19 -0.48 -18.96
N SER A 110 -22.83 0.44 -19.85
CA SER A 110 -21.43 0.54 -20.24
C SER A 110 -20.68 1.57 -19.40
N PHE A 111 -21.40 2.41 -18.66
CA PHE A 111 -20.81 3.12 -17.54
C PHE A 111 -21.78 3.16 -16.38
N ILE A 112 -21.23 3.28 -15.18
CA ILE A 112 -22.02 3.55 -13.98
C ILE A 112 -21.63 4.92 -13.41
N MET A 113 -22.54 5.50 -12.68
CA MET A 113 -22.24 6.80 -12.13
C MET A 113 -21.62 6.66 -10.74
N PRO A 114 -20.47 7.27 -10.48
CA PRO A 114 -19.88 7.16 -9.14
C PRO A 114 -20.56 8.12 -8.18
N SER A 115 -20.37 7.84 -6.90
CA SER A 115 -20.65 8.81 -5.85
C SER A 115 -19.54 9.85 -5.88
N ILE A 116 -19.92 11.12 -5.69
CA ILE A 116 -19.00 12.23 -5.95
C ILE A 116 -18.83 13.08 -4.68
N ILE A 117 -17.60 13.17 -4.20
CA ILE A 117 -17.19 14.17 -3.20
C ILE A 117 -16.60 15.38 -3.93
N ASP A 118 -17.19 16.55 -3.72
CA ASP A 118 -16.95 17.71 -4.57
C ASP A 118 -16.20 18.77 -3.77
N ARG A 119 -14.97 19.04 -4.19
CA ARG A 119 -14.10 20.10 -3.72
C ARG A 119 -13.55 20.87 -4.92
N SER A 120 -14.44 21.29 -5.82
CA SER A 120 -14.07 21.75 -7.15
C SER A 120 -12.97 22.81 -7.07
N PRO A 121 -11.96 22.72 -7.92
CA PRO A 121 -11.95 21.73 -9.02
C PRO A 121 -11.48 20.31 -8.66
N LEU A 122 -11.14 20.06 -7.39
CA LEU A 122 -10.79 18.72 -6.94
C LEU A 122 -12.04 17.88 -6.69
N MET A 123 -12.07 16.66 -7.24
N MET A 123 -12.07 16.66 -7.24
CA MET A 123 -13.23 15.79 -7.12
CA MET A 123 -13.23 15.80 -7.10
C MET A 123 -12.78 14.37 -6.83
C MET A 123 -12.79 14.36 -6.84
N VAL A 124 -13.46 13.71 -5.90
CA VAL A 124 -13.20 12.31 -5.58
C VAL A 124 -14.44 11.48 -5.93
N ALA A 125 -14.25 10.42 -6.68
CA ALA A 125 -15.35 9.56 -7.10
C ALA A 125 -15.14 8.15 -6.54
N VAL A 126 -16.21 7.55 -6.01
CA VAL A 126 -16.14 6.21 -5.43
C VAL A 126 -17.32 5.37 -5.91
N SER A 127 -17.07 4.10 -6.22
CA SER A 127 -18.09 3.15 -6.64
C SER A 127 -17.65 1.75 -6.31
N ALA A 128 -18.62 0.93 -5.87
CA ALA A 128 -18.44 -0.52 -5.79
C ALA A 128 -18.85 -1.25 -7.06
N GLY A 129 -19.12 -0.53 -8.14
CA GLY A 129 -19.60 -1.19 -9.33
C GLY A 129 -21.02 -1.70 -9.25
N GLY A 130 -21.86 -1.14 -8.36
CA GLY A 130 -23.19 -1.66 -8.12
C GLY A 130 -23.27 -2.87 -7.23
N THR A 131 -22.13 -3.52 -6.94
CA THR A 131 -22.16 -4.72 -6.09
C THR A 131 -22.52 -4.38 -4.65
N SER A 132 -21.99 -3.29 -4.11
CA SER A 132 -22.15 -2.96 -2.69
C SER A 132 -22.46 -1.49 -2.47
N PRO A 133 -23.70 -1.08 -2.74
CA PRO A 133 -24.05 0.34 -2.57
C PRO A 133 -23.90 0.88 -1.16
N VAL A 134 -24.00 0.05 -0.12
CA VAL A 134 -23.81 0.58 1.22
C VAL A 134 -22.33 0.85 1.50
N LEU A 135 -21.42 0.00 1.01
CA LEU A 135 -19.99 0.24 1.21
C LEU A 135 -19.56 1.55 0.55
N ALA A 136 -20.06 1.80 -0.66
CA ALA A 136 -19.78 3.07 -1.32
C ALA A 136 -20.15 4.25 -0.43
N ARG A 137 -21.35 4.21 0.17
CA ARG A 137 -21.81 5.35 0.98
C ARG A 137 -21.03 5.49 2.27
N LEU A 138 -20.60 4.39 2.87
CA LEU A 138 -19.75 4.52 4.05
C LEU A 138 -18.34 5.00 3.68
N LEU A 139 -17.83 4.58 2.52
CA LEU A 139 -16.62 5.22 1.99
C LEU A 139 -16.85 6.69 1.69
N ARG A 140 -18.01 6.99 1.11
CA ARG A 140 -18.30 8.36 0.69
C ARG A 140 -18.23 9.30 1.87
N GLU A 141 -18.70 8.87 3.03
CA GLU A 141 -18.69 9.74 4.19
C GLU A 141 -17.31 9.77 4.83
N LYS A 142 -16.62 8.62 4.90
CA LYS A 142 -15.26 8.64 5.41
CA LYS A 142 -15.26 8.64 5.43
C LYS A 142 -14.38 9.57 4.59
N LEU A 143 -14.57 9.57 3.27
CA LEU A 143 -13.83 10.50 2.43
C LEU A 143 -14.18 11.95 2.77
N GLU A 144 -15.45 12.20 3.07
CA GLU A 144 -15.89 13.55 3.36
C GLU A 144 -15.12 14.16 4.54
N SER A 145 -14.99 13.40 5.63
CA SER A 145 -14.28 13.88 6.80
C SER A 145 -12.81 14.13 6.50
N LEU A 146 -12.25 13.43 5.51
CA LEU A 146 -10.83 13.46 5.28
C LEU A 146 -10.41 14.63 4.41
N LEU A 147 -11.31 15.14 3.58
CA LEU A 147 -10.96 16.18 2.62
C LEU A 147 -11.41 17.52 3.13
N PRO A 148 -10.49 18.36 3.61
CA PRO A 148 -10.87 19.72 4.04
C PRO A 148 -11.64 20.45 2.96
N GLN A 149 -12.67 21.19 3.42
CA GLN A 149 -13.55 21.91 2.51
C GLN A 149 -12.76 22.83 1.60
N HIS A 150 -11.77 23.53 2.15
N HIS A 150 -11.76 23.52 2.16
CA HIS A 150 -11.01 24.51 1.39
CA HIS A 150 -11.01 24.53 1.43
C HIS A 150 -9.83 23.91 0.63
C HIS A 150 -10.01 23.94 0.42
N LEU A 151 -9.90 22.61 0.30
CA LEU A 151 -8.93 22.05 -0.65
C LEU A 151 -9.18 22.56 -2.06
N GLY A 152 -10.44 22.88 -2.38
CA GLY A 152 -10.73 23.45 -3.69
C GLY A 152 -10.01 24.77 -3.91
N GLN A 153 -9.96 25.62 -2.88
CA GLN A 153 -9.29 26.89 -3.04
C GLN A 153 -7.79 26.70 -3.22
N VAL A 154 -7.24 25.63 -2.66
CA VAL A 154 -5.83 25.34 -2.89
C VAL A 154 -5.63 24.81 -4.32
N ALA A 155 -6.45 23.83 -4.73
CA ALA A 155 -6.30 23.30 -6.09
C ALA A 155 -6.58 24.39 -7.12
N ARG A 156 -7.58 25.25 -6.88
CA ARG A 156 -7.85 26.34 -7.80
C ARG A 156 -6.62 27.24 -7.96
N TYR A 157 -6.01 27.63 -6.85
CA TYR A 157 -4.83 28.48 -6.94
C TYR A 157 -3.69 27.79 -7.70
N ALA A 158 -3.54 26.48 -7.50
CA ALA A 158 -2.48 25.74 -8.19
C ALA A 158 -2.59 25.88 -9.69
N GLY A 159 -3.82 25.74 -10.23
CA GLY A 159 -4.01 25.87 -11.65
C GLY A 159 -3.67 27.26 -12.15
N GLN A 160 -3.98 28.29 -11.36
CA GLN A 160 -3.65 29.65 -11.75
C GLN A 160 -2.13 29.86 -11.80
N LEU A 161 -1.40 29.09 -11.02
CA LEU A 161 0.05 29.26 -10.95
C LEU A 161 0.78 28.38 -11.96
N ARG A 162 0.08 27.46 -12.63
CA ARG A 162 0.75 26.44 -13.44
C ARG A 162 1.59 27.07 -14.54
N ALA A 163 1.00 28.01 -15.30
CA ALA A 163 1.79 28.72 -16.31
C ALA A 163 3.04 29.34 -15.70
N ARG A 164 2.89 30.09 -14.60
CA ARG A 164 4.05 30.68 -13.96
C ARG A 164 5.05 29.62 -13.46
N VAL A 165 4.57 28.47 -12.98
CA VAL A 165 5.50 27.43 -12.52
C VAL A 165 6.20 26.75 -13.70
N LYS A 166 5.54 26.66 -14.86
CA LYS A 166 6.21 26.10 -16.03
C LYS A 166 7.27 27.06 -16.59
N LYS A 167 7.03 28.37 -16.53
CA LYS A 167 8.02 29.32 -17.05
C LYS A 167 9.30 29.31 -16.21
N GLN A 168 9.16 29.44 -14.88
CA GLN A 168 10.31 29.68 -14.01
C GLN A 168 11.12 28.44 -13.71
N PHE A 169 10.56 27.26 -13.88
CA PHE A 169 11.30 26.02 -13.67
C PHE A 169 11.40 25.30 -15.01
N ALA A 170 12.64 25.07 -15.47
CA ALA A 170 12.84 24.45 -16.77
C ALA A 170 12.66 22.94 -16.68
N THR A 171 13.16 22.34 -15.61
CA THR A 171 13.02 20.92 -15.40
C THR A 171 11.59 20.57 -14.98
N MET A 172 11.20 19.33 -15.18
CA MET A 172 9.96 18.88 -14.56
C MET A 172 10.19 18.18 -13.23
N GLY A 173 11.45 18.07 -12.78
CA GLY A 173 11.75 17.51 -11.47
C GLY A 173 11.85 18.59 -10.41
N GLU A 174 12.21 19.80 -10.84
CA GLU A 174 12.13 20.99 -10.02
C GLU A 174 10.70 21.45 -9.82
N ARG A 175 9.83 21.26 -10.82
CA ARG A 175 8.43 21.61 -10.65
C ARG A 175 7.77 20.74 -9.61
N ARG A 176 8.25 19.52 -9.43
N ARG A 176 8.25 19.52 -9.43
CA ARG A 176 7.66 18.63 -8.45
CA ARG A 176 7.64 18.64 -8.44
C ARG A 176 8.00 19.06 -7.03
C ARG A 176 8.00 19.07 -7.01
N ARG A 177 9.26 19.48 -6.80
CA ARG A 177 9.65 19.99 -5.48
C ARG A 177 8.84 21.23 -5.07
N PHE A 178 8.51 22.10 -6.04
CA PHE A 178 7.69 23.26 -5.74
C PHE A 178 6.27 22.86 -5.36
N TRP A 179 5.66 22.00 -6.16
CA TRP A 179 4.28 21.60 -5.86
C TRP A 179 4.20 20.88 -4.53
N GLU A 180 5.19 20.04 -4.22
CA GLU A 180 5.20 19.27 -2.97
C GLU A 180 5.29 20.18 -1.75
N LYS A 181 6.08 21.26 -1.84
CA LYS A 181 6.08 22.31 -0.81
C LYS A 181 4.76 23.07 -0.79
N PHE A 182 4.25 23.40 -1.99
CA PHE A 182 3.03 24.18 -2.14
C PHE A 182 1.83 23.50 -1.46
N PHE A 183 1.64 22.22 -1.74
CA PHE A 183 0.42 21.53 -1.32
C PHE A 183 0.42 21.14 0.15
N VAL A 184 1.47 21.46 0.92
CA VAL A 184 1.49 21.11 2.34
C VAL A 184 1.87 22.32 3.19
N ASN A 185 1.80 23.52 2.61
CA ASN A 185 1.97 24.76 3.35
C ASN A 185 0.61 25.13 3.95
N ASP A 186 0.49 24.97 5.27
CA ASP A 186 -0.78 25.14 5.92
C ASP A 186 -1.20 26.59 6.00
N ARG A 187 -0.23 27.50 6.14
CA ARG A 187 -0.56 28.91 6.20
CA ARG A 187 -0.57 28.92 6.20
C ARG A 187 -1.12 29.39 4.87
N LEU A 188 -0.55 28.91 3.76
CA LEU A 188 -1.04 29.30 2.45
C LEU A 188 -2.50 28.89 2.28
N ALA A 189 -2.82 27.63 2.56
CA ALA A 189 -4.20 27.16 2.59
C ALA A 189 -5.09 28.08 3.41
N GLN A 190 -4.63 28.45 4.62
CA GLN A 190 -5.42 29.30 5.48
C GLN A 190 -5.67 30.66 4.85
N SER A 191 -4.62 31.27 4.30
CA SER A 191 -4.78 32.61 3.77
C SER A 191 -5.71 32.62 2.56
N LEU A 192 -5.70 31.53 1.78
CA LEU A 192 -6.62 31.43 0.66
C LEU A 192 -8.06 31.36 1.14
N ALA A 193 -8.31 30.55 2.18
CA ALA A 193 -9.65 30.41 2.72
C ALA A 193 -10.15 31.74 3.29
N ASN A 194 -9.27 32.48 3.98
CA ASN A 194 -9.65 33.80 4.47
C ASN A 194 -9.65 34.84 3.36
N ALA A 195 -9.31 34.46 2.12
CA ALA A 195 -9.17 35.40 0.99
C ALA A 195 -8.27 36.56 1.38
N ASP A 196 -7.16 36.22 2.01
CA ASP A 196 -6.17 37.18 2.51
C ASP A 196 -5.09 37.24 1.44
N GLU A 197 -5.23 38.20 0.53
CA GLU A 197 -4.41 38.15 -0.67
C GLU A 197 -2.97 38.53 -0.38
N LYS A 198 -2.74 39.59 0.40
CA LYS A 198 -1.36 39.97 0.72
C LYS A 198 -0.62 38.84 1.42
N ALA A 199 -1.31 38.01 2.22
CA ALA A 199 -0.63 36.87 2.83
C ALA A 199 -0.38 35.77 1.81
N VAL A 200 -1.34 35.54 0.92
CA VAL A 200 -1.17 34.59 -0.18
C VAL A 200 0.06 34.96 -1.01
N ASN A 201 0.20 36.23 -1.36
CA ASN A 201 1.32 36.64 -2.22
C ASN A 201 2.64 36.58 -1.47
N ALA A 202 2.66 37.00 -0.21
CA ALA A 202 3.89 36.94 0.58
C ALA A 202 4.43 35.51 0.67
N THR A 203 3.57 34.55 1.00
CA THR A 203 4.03 33.17 1.02
C THR A 203 4.41 32.72 -0.38
N THR A 204 3.65 33.15 -1.39
CA THR A 204 3.87 32.67 -2.75
C THR A 204 5.22 33.15 -3.28
N GLU A 205 5.51 34.44 -3.11
CA GLU A 205 6.81 34.94 -3.60
C GLU A 205 7.97 34.24 -2.91
N ARG A 206 7.86 33.97 -1.60
CA ARG A 206 8.91 33.22 -0.92
C ARG A 206 9.08 31.82 -1.50
N LEU A 207 7.97 31.13 -1.75
CA LEU A 207 8.02 29.79 -2.35
C LEU A 207 8.77 29.80 -3.67
N PHE A 208 8.37 30.70 -4.57
CA PHE A 208 9.08 30.87 -5.84
C PHE A 208 10.53 31.21 -5.64
N SER A 209 10.85 31.96 -4.59
CA SER A 209 12.20 32.45 -4.44
C SER A 209 13.15 31.42 -3.89
N GLU A 210 12.70 30.20 -3.64
CA GLU A 210 13.49 29.28 -2.84
C GLU A 210 14.42 28.46 -3.71
N PRO A 211 15.73 28.53 -3.52
CA PRO A 211 16.63 27.59 -4.20
C PRO A 211 16.25 26.13 -3.99
N LEU A 212 15.91 25.44 -5.07
CA LEU A 212 15.58 24.04 -4.96
C LEU A 212 16.83 23.19 -5.00
N ASP A 213 16.82 22.12 -4.20
CA ASP A 213 17.90 21.14 -4.18
C ASP A 213 17.83 20.30 -5.45
N HIS A 214 18.85 20.43 -6.30
CA HIS A 214 18.84 19.76 -7.59
C HIS A 214 19.30 18.32 -7.52
N ARG A 215 19.97 17.92 -6.45
CA ARG A 215 20.48 16.56 -6.35
C ARG A 215 19.35 15.54 -6.32
N GLY A 216 19.62 14.38 -6.91
CA GLY A 216 18.74 13.24 -6.73
C GLY A 216 18.93 12.64 -5.35
N GLU A 217 18.41 11.42 -5.20
CA GLU A 217 18.52 10.72 -3.93
C GLU A 217 18.20 9.25 -4.17
N VAL A 218 18.79 8.39 -3.34
CA VAL A 218 18.45 6.97 -3.32
C VAL A 218 17.86 6.64 -1.96
N VAL A 219 16.72 5.95 -1.96
CA VAL A 219 16.08 5.47 -0.75
C VAL A 219 15.95 3.96 -0.89
N LEU A 220 16.63 3.22 -0.02
CA LEU A 220 16.34 1.79 0.13
C LEU A 220 15.04 1.63 0.90
N VAL A 221 14.07 0.94 0.29
CA VAL A 221 12.79 0.72 0.93
C VAL A 221 12.57 -0.79 1.07
N GLY A 222 12.17 -1.20 2.28
CA GLY A 222 11.78 -2.56 2.52
C GLY A 222 10.32 -2.76 2.20
N ALA A 223 10.06 -3.66 1.27
CA ALA A 223 8.70 -3.98 0.90
C ALA A 223 8.04 -4.89 1.90
N GLY A 224 8.78 -5.47 2.84
CA GLY A 224 8.24 -6.53 3.65
C GLY A 224 8.24 -7.81 2.84
N PRO A 225 7.71 -8.90 3.42
CA PRO A 225 7.82 -10.21 2.77
C PRO A 225 6.76 -10.52 1.72
N GLY A 226 5.84 -9.61 1.40
CA GLY A 226 4.88 -9.86 0.32
C GLY A 226 3.48 -9.27 0.46
N ASP A 227 2.78 -9.61 1.54
CA ASP A 227 1.55 -8.93 1.91
C ASP A 227 1.75 -7.43 1.89
N ALA A 228 0.94 -6.73 1.05
CA ALA A 228 1.18 -5.31 0.80
C ALA A 228 0.74 -4.46 1.97
N GLY A 229 -0.24 -4.94 2.75
CA GLY A 229 -0.54 -4.34 4.04
C GLY A 229 0.66 -4.21 4.97
N LEU A 230 1.78 -4.92 4.69
CA LEU A 230 2.94 -4.89 5.57
C LEU A 230 4.00 -3.90 5.12
N LEU A 231 3.80 -3.24 3.97
CA LEU A 231 4.59 -2.06 3.67
C LEU A 231 4.40 -0.99 4.77
N THR A 232 5.43 -0.18 5.00
CA THR A 232 5.31 0.90 5.97
C THR A 232 4.67 2.13 5.35
N LEU A 233 4.07 2.98 6.19
CA LEU A 233 3.58 4.27 5.75
C LEU A 233 4.63 5.01 4.94
N LYS A 234 5.85 5.13 5.49
CA LYS A 234 6.90 5.86 4.78
C LYS A 234 7.32 5.13 3.50
N GLY A 235 7.30 3.79 3.53
CA GLY A 235 7.61 3.07 2.33
C GLY A 235 6.59 3.37 1.24
N LEU A 236 5.30 3.38 1.61
CA LEU A 236 4.27 3.77 0.67
C LEU A 236 4.56 5.16 0.11
N GLN A 237 4.89 6.12 0.97
CA GLN A 237 5.18 7.47 0.50
C GLN A 237 6.27 7.44 -0.55
N GLN A 238 7.40 6.80 -0.24
CA GLN A 238 8.54 6.79 -1.16
C GLN A 238 8.14 6.22 -2.52
N ILE A 239 7.42 5.10 -2.54
CA ILE A 239 7.11 4.53 -3.84
C ILE A 239 5.99 5.29 -4.55
N GLN A 240 5.15 6.00 -3.80
CA GLN A 240 4.13 6.82 -4.45
C GLN A 240 4.73 8.05 -5.12
N GLN A 241 5.93 8.46 -4.70
CA GLN A 241 6.52 9.71 -5.12
C GLN A 241 7.85 9.54 -5.85
N ALA A 242 8.18 8.32 -6.27
CA ALA A 242 9.52 8.07 -6.78
C ALA A 242 9.58 8.33 -8.28
N ASP A 243 10.75 8.75 -8.75
CA ASP A 243 10.91 8.89 -10.20
C ASP A 243 11.11 7.54 -10.86
N ILE A 244 11.91 6.68 -10.22
CA ILE A 244 12.23 5.36 -10.74
C ILE A 244 12.38 4.37 -9.59
N VAL A 245 11.83 3.16 -9.76
CA VAL A 245 11.88 2.10 -8.76
C VAL A 245 12.68 0.90 -9.30
N VAL A 246 13.88 0.70 -8.73
CA VAL A 246 14.71 -0.49 -8.94
C VAL A 246 14.29 -1.57 -7.94
N TYR A 247 13.84 -2.73 -8.44
CA TYR A 247 13.21 -3.70 -7.56
C TYR A 247 13.57 -5.12 -7.97
N ASP A 248 13.58 -6.02 -7.00
CA ASP A 248 13.99 -7.40 -7.21
C ASP A 248 12.74 -8.28 -7.19
N ARG A 249 12.96 -9.59 -7.22
CA ARG A 249 11.85 -10.49 -7.45
C ARG A 249 11.11 -10.87 -6.18
N LEU A 250 11.72 -10.72 -5.00
CA LEU A 250 10.97 -11.00 -3.77
C LEU A 250 10.08 -9.85 -3.34
N VAL A 251 9.99 -8.81 -4.16
CA VAL A 251 8.97 -7.80 -3.99
C VAL A 251 7.69 -8.30 -4.64
N SER A 252 6.58 -8.22 -3.91
CA SER A 252 5.33 -8.81 -4.38
C SER A 252 4.66 -7.93 -5.43
N ASP A 253 3.81 -8.56 -6.26
CA ASP A 253 3.10 -7.81 -7.27
C ASP A 253 2.13 -6.80 -6.66
N ASP A 254 1.43 -7.21 -5.58
CA ASP A 254 0.55 -6.28 -4.86
C ASP A 254 1.29 -5.03 -4.35
N ILE A 255 2.58 -5.15 -4.05
CA ILE A 255 3.38 -4.01 -3.66
C ILE A 255 3.78 -3.20 -4.88
N MET A 256 4.06 -3.88 -5.98
CA MET A 256 4.31 -3.17 -7.23
C MET A 256 3.07 -2.39 -7.69
N ASN A 257 1.86 -2.87 -7.41
CA ASN A 257 0.65 -2.12 -7.78
C ASN A 257 0.54 -0.81 -7.02
N LEU A 258 1.30 -0.63 -5.94
CA LEU A 258 1.32 0.59 -5.15
C LEU A 258 2.39 1.58 -5.60
N VAL A 259 3.21 1.20 -6.57
CA VAL A 259 4.18 2.14 -7.14
C VAL A 259 3.41 3.19 -7.93
N ARG A 260 3.89 4.44 -7.83
CA ARG A 260 3.49 5.53 -8.71
C ARG A 260 3.33 5.00 -10.13
N ARG A 261 2.11 5.15 -10.70
CA ARG A 261 1.86 4.59 -12.02
CA ARG A 261 1.85 4.61 -12.03
C ARG A 261 2.79 5.22 -13.06
N ASP A 262 3.07 6.51 -12.91
CA ASP A 262 3.88 7.32 -13.82
CA ASP A 262 3.86 7.28 -13.86
C ASP A 262 5.37 7.11 -13.66
N ALA A 263 5.83 6.12 -12.88
CA ALA A 263 7.26 5.98 -12.59
C ALA A 263 7.89 4.83 -13.37
N ASP A 264 9.19 4.95 -13.60
CA ASP A 264 9.93 3.94 -14.33
C ASP A 264 10.30 2.78 -13.41
N ARG A 265 10.01 1.56 -13.86
CA ARG A 265 10.34 0.36 -13.12
CA ARG A 265 10.33 0.34 -13.12
C ARG A 265 11.51 -0.34 -13.79
N VAL A 266 12.50 -0.75 -12.98
CA VAL A 266 13.67 -1.50 -13.48
C VAL A 266 13.84 -2.76 -12.64
N PHE A 267 13.70 -3.92 -13.27
CA PHE A 267 13.88 -5.20 -12.59
C PHE A 267 15.36 -5.56 -12.56
N VAL A 268 15.75 -6.27 -11.49
CA VAL A 268 17.11 -6.78 -11.32
C VAL A 268 17.03 -8.18 -10.73
N GLY A 269 17.85 -9.10 -11.23
CA GLY A 269 17.96 -10.44 -10.66
C GLY A 269 17.68 -11.61 -11.57
N LYS A 270 16.62 -12.37 -11.27
CA LYS A 270 16.26 -13.56 -12.04
C LYS A 270 15.07 -13.27 -12.97
N VAL A 277 21.37 -10.30 -13.16
CA VAL A 277 22.02 -9.02 -12.94
C VAL A 277 22.94 -9.08 -11.71
N PRO A 278 24.22 -8.79 -11.89
CA PRO A 278 25.16 -8.75 -10.75
C PRO A 278 24.84 -7.61 -9.78
N GLN A 279 25.51 -7.67 -8.62
CA GLN A 279 25.25 -6.74 -7.52
C GLN A 279 25.92 -5.39 -7.76
N GLU A 280 27.19 -5.41 -8.17
CA GLU A 280 27.83 -4.16 -8.52
C GLU A 280 27.12 -3.49 -9.70
N GLU A 281 26.46 -4.28 -10.56
CA GLU A 281 25.58 -3.72 -11.58
C GLU A 281 24.51 -2.83 -10.95
N ILE A 282 23.79 -3.39 -9.98
CA ILE A 282 22.71 -2.68 -9.30
C ILE A 282 23.20 -1.36 -8.74
N ASN A 283 24.38 -1.37 -8.11
CA ASN A 283 24.91 -0.18 -7.45
C ASN A 283 24.99 1.00 -8.42
N GLN A 284 25.48 0.77 -9.64
CA GLN A 284 25.70 1.88 -10.55
C GLN A 284 24.42 2.36 -11.19
N ILE A 285 23.51 1.43 -11.50
CA ILE A 285 22.15 1.77 -11.89
C ILE A 285 21.63 2.85 -10.95
N LEU A 286 21.68 2.60 -9.64
CA LEU A 286 21.22 3.62 -8.71
C LEU A 286 22.06 4.89 -8.81
N LEU A 287 23.39 4.78 -8.65
CA LEU A 287 24.23 5.96 -8.45
C LEU A 287 24.12 6.94 -9.61
N ARG A 288 24.30 6.47 -10.84
CA ARG A 288 24.14 7.37 -11.98
C ARG A 288 22.71 7.92 -12.02
N GLU A 289 21.70 7.09 -11.71
CA GLU A 289 20.31 7.56 -11.75
C GLU A 289 20.03 8.62 -10.69
N ALA A 290 20.69 8.54 -9.52
CA ALA A 290 20.54 9.58 -8.51
C ALA A 290 21.37 10.80 -8.84
N GLN A 291 22.59 10.60 -9.37
N GLN A 291 22.58 10.59 -9.38
CA GLN A 291 23.38 11.68 -9.97
CA GLN A 291 23.37 11.67 -9.95
C GLN A 291 22.53 12.48 -10.96
C GLN A 291 22.55 12.48 -10.95
N LYS A 292 21.88 11.77 -11.88
CA LYS A 292 20.92 12.34 -12.84
C LYS A 292 19.81 13.17 -12.21
N GLY A 293 19.82 13.32 -10.89
CA GLY A 293 18.94 14.22 -10.19
C GLY A 293 17.57 13.66 -9.86
N LYS A 294 17.30 12.42 -10.18
CA LYS A 294 15.99 11.84 -9.97
C LYS A 294 15.89 11.16 -8.59
N ARG A 295 14.64 10.95 -8.15
CA ARG A 295 14.33 10.28 -6.89
CA ARG A 295 14.36 10.28 -6.89
C ARG A 295 14.29 8.78 -7.14
N VAL A 296 15.24 8.04 -6.60
CA VAL A 296 15.37 6.63 -6.88
C VAL A 296 14.96 5.85 -5.65
N VAL A 297 14.08 4.87 -5.84
CA VAL A 297 13.78 3.91 -4.79
C VAL A 297 14.35 2.57 -5.24
N ARG A 298 15.25 2.03 -4.42
CA ARG A 298 15.58 0.62 -4.44
C ARG A 298 14.58 -0.12 -3.56
N LEU A 299 13.65 -0.84 -4.17
CA LEU A 299 12.58 -1.53 -3.45
C LEU A 299 12.97 -2.99 -3.25
N LYS A 300 13.12 -3.40 -1.98
CA LYS A 300 13.75 -4.66 -1.64
C LYS A 300 12.81 -5.53 -0.83
N GLY A 301 12.91 -6.85 -1.02
CA GLY A 301 12.11 -7.77 -0.24
C GLY A 301 12.48 -7.75 1.24
N GLY A 302 11.46 -7.82 2.09
CA GLY A 302 11.68 -7.86 3.53
C GLY A 302 12.37 -6.61 4.03
N ASP A 303 13.44 -6.81 4.77
CA ASP A 303 14.14 -5.64 5.23
C ASP A 303 15.42 -5.45 4.42
N PRO A 304 15.85 -4.21 4.15
CA PRO A 304 17.06 -4.02 3.31
C PRO A 304 18.38 -4.42 3.98
N PHE A 305 18.50 -4.37 5.32
CA PHE A 305 19.77 -4.60 6.01
C PHE A 305 19.85 -5.98 6.67
N ILE A 306 18.90 -6.86 6.38
CA ILE A 306 18.98 -8.26 6.80
C ILE A 306 19.12 -9.10 5.53
N PHE A 307 20.36 -9.43 5.16
CA PHE A 307 20.67 -10.25 3.97
C PHE A 307 20.04 -9.65 2.71
N GLY A 308 20.07 -8.33 2.61
CA GLY A 308 19.55 -7.66 1.43
C GLY A 308 20.66 -7.07 0.62
N ARG A 309 21.88 -7.11 1.16
CA ARG A 309 23.05 -6.43 0.60
C ARG A 309 22.84 -4.92 0.44
N GLY A 310 21.97 -4.34 1.28
CA GLY A 310 21.72 -2.91 1.20
C GLY A 310 22.93 -2.08 1.56
N GLY A 311 23.76 -2.59 2.47
CA GLY A 311 25.02 -1.93 2.75
C GLY A 311 25.83 -1.73 1.50
N GLU A 312 25.93 -2.78 0.69
CA GLU A 312 26.71 -2.69 -0.54
C GLU A 312 26.15 -1.59 -1.44
N GLU A 313 24.83 -1.60 -1.65
CA GLU A 313 24.23 -0.62 -2.54
C GLU A 313 24.43 0.81 -2.03
N LEU A 314 24.62 1.01 -0.73
CA LEU A 314 24.75 2.38 -0.25
C LEU A 314 26.18 2.89 -0.29
N GLU A 315 27.16 2.04 0.08
CA GLU A 315 28.54 2.50 0.22
C GLU A 315 29.07 3.12 -1.07
N THR A 316 28.47 2.74 -2.21
CA THR A 316 28.75 3.40 -3.47
C THR A 316 28.47 4.89 -3.44
N LEU A 317 27.59 5.36 -2.55
CA LEU A 317 27.02 6.70 -2.61
C LEU A 317 27.56 7.67 -1.55
N CYS A 318 28.39 7.21 -0.61
CA CYS A 318 28.75 8.03 0.54
C CYS A 318 29.61 9.22 0.15
N HIS A 319 30.74 8.96 -0.51
CA HIS A 319 31.62 10.02 -1.00
C HIS A 319 31.34 10.40 -2.44
N ALA A 320 30.43 9.71 -3.11
CA ALA A 320 29.89 10.21 -4.36
C ALA A 320 28.82 11.29 -4.17
N GLY A 321 28.79 11.93 -2.99
CA GLY A 321 27.93 13.08 -2.76
C GLY A 321 26.46 12.85 -2.98
N ILE A 322 25.99 11.61 -3.02
CA ILE A 322 24.59 11.29 -3.33
C ILE A 322 23.83 11.13 -2.01
N PRO A 323 22.83 11.96 -1.74
CA PRO A 323 22.03 11.76 -0.53
C PRO A 323 21.25 10.44 -0.59
N PHE A 324 21.20 9.78 0.55
CA PHE A 324 20.53 8.50 0.64
C PHE A 324 19.82 8.40 1.98
N SER A 325 19.01 7.35 2.11
CA SER A 325 18.22 7.09 3.32
C SER A 325 17.70 5.66 3.22
N VAL A 326 17.23 5.16 4.35
CA VAL A 326 16.83 3.76 4.46
C VAL A 326 15.49 3.70 5.18
N VAL A 327 14.52 3.07 4.54
CA VAL A 327 13.26 2.73 5.20
C VAL A 327 13.29 1.23 5.49
N PRO A 328 13.32 0.82 6.76
CA PRO A 328 13.31 -0.63 7.05
C PRO A 328 11.97 -1.26 6.68
N GLY A 329 12.00 -2.59 6.53
CA GLY A 329 10.81 -3.34 6.24
C GLY A 329 10.68 -4.52 7.20
N ILE A 330 9.48 -5.11 7.20
CA ILE A 330 9.21 -6.35 7.92
C ILE A 330 10.05 -7.47 7.30
N THR A 331 11.05 -7.95 8.04
CA THR A 331 11.87 -9.06 7.57
C THR A 331 11.06 -10.36 7.59
N ALA A 332 11.55 -11.34 6.83
CA ALA A 332 10.80 -12.59 6.64
C ALA A 332 10.52 -13.30 7.94
N ALA A 333 11.50 -13.30 8.87
CA ALA A 333 11.32 -13.97 10.15
C ALA A 333 10.12 -13.39 10.92
N SER A 334 10.01 -12.08 10.91
CA SER A 334 8.90 -11.41 11.56
C SER A 334 7.59 -11.69 10.83
N GLY A 335 7.58 -11.54 9.50
CA GLY A 335 6.37 -11.84 8.76
C GLY A 335 5.95 -13.28 8.91
N CYS A 336 6.89 -14.21 8.80
CA CYS A 336 6.54 -15.63 8.88
C CYS A 336 6.29 -16.07 10.31
N SER A 337 6.95 -15.46 11.29
CA SER A 337 6.54 -15.66 12.67
C SER A 337 5.05 -15.36 12.87
N ALA A 338 4.61 -14.16 12.47
CA ALA A 338 3.27 -13.70 12.80
C ALA A 338 2.20 -14.54 12.10
N TYR A 339 2.42 -14.86 10.83
CA TYR A 339 1.41 -15.46 9.97
C TYR A 339 1.40 -16.98 10.04
N SER A 340 2.42 -17.60 10.63
CA SER A 340 2.39 -19.02 10.89
C SER A 340 1.90 -19.36 12.30
N GLY A 341 1.69 -18.37 13.15
CA GLY A 341 1.36 -18.65 14.54
C GLY A 341 2.56 -19.13 15.33
N ILE A 342 3.76 -18.72 14.93
CA ILE A 342 4.97 -19.22 15.57
C ILE A 342 5.77 -18.02 16.04
N PRO A 343 5.55 -17.56 17.26
CA PRO A 343 6.29 -16.37 17.71
C PRO A 343 7.76 -16.69 17.81
N LEU A 344 8.59 -15.68 17.55
CA LEU A 344 10.05 -15.93 17.55
C LEU A 344 10.59 -16.07 18.96
N THR A 345 9.96 -15.42 19.92
CA THR A 345 10.23 -15.64 21.34
C THR A 345 8.91 -15.91 22.05
N HIS A 346 9.02 -16.54 23.23
CA HIS A 346 7.87 -16.82 24.11
C HIS A 346 8.30 -17.28 25.50
N ARG A 347 7.72 -16.72 26.58
N ARG A 347 7.74 -16.62 26.53
CA ARG A 347 8.04 -17.06 27.97
CA ARG A 347 8.31 -16.48 27.87
C ARG A 347 9.05 -18.20 28.13
C ARG A 347 9.82 -16.69 27.78
N ASP A 348 10.30 -17.80 28.33
CA ASP A 348 11.54 -18.43 27.89
C ASP A 348 11.33 -19.82 27.29
N TYR A 349 10.98 -19.84 26.00
CA TYR A 349 11.40 -20.90 25.09
C TYR A 349 12.75 -20.56 24.47
N ALA A 350 13.05 -19.27 24.31
CA ALA A 350 14.27 -18.79 23.66
C ALA A 350 14.76 -17.51 24.31
N GLN A 351 16.08 -17.44 24.57
CA GLN A 351 16.76 -16.20 24.93
C GLN A 351 17.29 -15.46 23.70
N SER A 352 17.57 -16.17 22.62
CA SER A 352 18.08 -15.60 21.39
C SER A 352 17.13 -15.93 20.24
N VAL A 353 17.15 -15.06 19.24
CA VAL A 353 16.73 -15.37 17.89
C VAL A 353 17.97 -15.26 17.00
N ARG A 354 18.26 -16.31 16.26
CA ARG A 354 19.37 -16.29 15.31
C ARG A 354 18.80 -16.28 13.90
N LEU A 355 19.01 -15.18 13.18
CA LEU A 355 18.70 -15.10 11.76
C LEU A 355 19.95 -15.52 11.00
N VAL A 356 19.87 -16.65 10.32
CA VAL A 356 21.03 -17.35 9.76
C VAL A 356 20.85 -17.49 8.25
N THR A 357 21.92 -17.23 7.51
CA THR A 357 21.93 -17.48 6.07
C THR A 357 22.30 -18.94 5.79
N GLY A 358 21.73 -19.50 4.73
CA GLY A 358 22.17 -20.79 4.24
C GLY A 358 23.09 -20.68 3.04
N HIS A 359 22.92 -19.63 2.25
CA HIS A 359 23.74 -19.36 1.07
C HIS A 359 25.06 -18.75 1.53
N LEU A 360 26.06 -19.59 1.73
CA LEU A 360 27.33 -19.13 2.29
C LEU A 360 28.38 -18.96 1.19
N LYS A 361 29.56 -18.51 1.62
CA LYS A 361 30.65 -18.09 0.74
C LYS A 361 31.15 -19.28 -0.10
N THR A 362 31.97 -18.96 -1.11
CA THR A 362 32.73 -19.96 -1.86
C THR A 362 33.29 -21.06 -0.96
N GLY A 363 33.92 -20.65 0.15
CA GLY A 363 34.45 -21.58 1.12
C GLY A 363 34.09 -21.17 2.54
N GLY A 364 32.79 -21.03 2.79
CA GLY A 364 32.28 -20.69 4.12
C GLY A 364 31.51 -21.86 4.69
N GLU A 365 31.71 -22.12 5.98
CA GLU A 365 31.01 -23.18 6.69
C GLU A 365 30.38 -22.57 7.93
N LEU A 366 29.09 -22.84 8.13
CA LEU A 366 28.40 -22.35 9.32
C LEU A 366 29.01 -22.99 10.58
N ASP A 367 28.87 -22.29 11.70
CA ASP A 367 29.46 -22.75 12.96
C ASP A 367 28.44 -23.58 13.74
N TRP A 368 28.32 -24.85 13.33
CA TRP A 368 27.22 -25.70 13.78
C TRP A 368 27.19 -25.85 15.30
N GLU A 369 28.36 -26.11 15.89
CA GLU A 369 28.48 -26.20 17.34
C GLU A 369 27.77 -25.05 18.04
N ASN A 370 27.94 -23.84 17.53
CA ASN A 370 27.30 -22.66 18.09
C ASN A 370 25.80 -22.66 17.81
N LEU A 371 25.41 -23.08 16.61
CA LEU A 371 24.02 -22.98 16.22
C LEU A 371 23.14 -23.98 16.95
N ALA A 372 23.72 -25.07 17.44
CA ALA A 372 22.90 -26.14 18.01
C ALA A 372 22.56 -25.89 19.47
N ALA A 373 23.14 -24.86 20.08
CA ALA A 373 22.86 -24.48 21.47
C ALA A 373 21.37 -24.41 21.78
N GLU A 374 21.00 -24.62 23.04
CA GLU A 374 19.59 -24.67 23.42
C GLU A 374 19.07 -23.28 23.77
N LYS A 375 17.75 -23.20 23.92
CA LYS A 375 17.05 -21.96 24.30
C LYS A 375 17.16 -20.88 23.21
N GLN A 376 17.00 -21.28 21.95
CA GLN A 376 17.02 -20.29 20.87
C GLN A 376 16.05 -20.70 19.77
N THR A 377 15.65 -19.71 18.97
CA THR A 377 14.84 -19.89 17.76
C THR A 377 15.74 -19.59 16.57
N LEU A 378 16.05 -20.62 15.80
CA LEU A 378 16.84 -20.52 14.57
C LEU A 378 15.94 -20.17 13.40
N VAL A 379 16.40 -19.26 12.54
CA VAL A 379 15.68 -18.90 11.33
C VAL A 379 16.68 -18.88 10.19
N PHE A 380 16.52 -19.78 9.24
CA PHE A 380 17.42 -19.85 8.11
C PHE A 380 16.79 -19.13 6.91
N TYR A 381 17.46 -18.09 6.43
CA TYR A 381 17.16 -17.48 5.15
C TYR A 381 17.98 -18.17 4.07
N MET A 382 17.40 -18.32 2.88
CA MET A 382 18.08 -18.90 1.73
C MET A 382 18.64 -20.28 2.06
N GLY A 383 17.82 -21.12 2.72
CA GLY A 383 18.33 -22.38 3.24
C GLY A 383 17.65 -23.64 2.71
N LEU A 384 16.66 -23.44 1.85
CA LEU A 384 15.97 -24.57 1.24
C LEU A 384 16.94 -25.64 0.74
N ASN A 385 17.83 -25.28 -0.18
CA ASN A 385 18.72 -26.26 -0.81
C ASN A 385 19.78 -26.86 0.09
N GLN A 386 19.74 -26.59 1.40
CA GLN A 386 20.69 -27.25 2.30
C GLN A 386 20.02 -27.79 3.56
N ALA A 387 18.70 -28.01 3.52
CA ALA A 387 17.99 -28.50 4.69
C ALA A 387 18.59 -29.80 5.23
N ALA A 388 18.91 -30.74 4.34
CA ALA A 388 19.48 -32.00 4.79
C ALA A 388 20.82 -31.77 5.53
N THR A 389 21.72 -30.97 4.95
CA THR A 389 22.94 -30.61 5.66
C THR A 389 22.63 -29.96 7.00
N ILE A 390 21.69 -28.99 7.03
CA ILE A 390 21.27 -28.37 8.29
C ILE A 390 20.82 -29.41 9.30
N GLN A 391 19.93 -30.32 8.88
CA GLN A 391 19.53 -31.43 9.75
C GLN A 391 20.74 -32.19 10.26
N GLU A 392 21.56 -32.73 9.34
CA GLU A 392 22.65 -33.61 9.73
C GLU A 392 23.61 -32.92 10.70
N LYS A 393 23.87 -31.63 10.49
CA LYS A 393 24.83 -30.94 11.34
C LYS A 393 24.23 -30.65 12.71
N LEU A 394 22.99 -30.15 12.75
CA LEU A 394 22.36 -29.84 14.02
C LEU A 394 22.25 -31.08 14.92
N ILE A 395 21.91 -32.23 14.34
CA ILE A 395 21.88 -33.45 15.14
C ILE A 395 23.28 -33.77 15.64
N ALA A 396 24.28 -33.63 14.78
CA ALA A 396 25.64 -34.01 15.17
C ALA A 396 26.21 -33.10 16.26
N PHE A 397 25.69 -31.89 16.44
CA PHE A 397 26.19 -31.00 17.48
C PHE A 397 25.20 -30.83 18.62
N GLY A 398 24.31 -31.79 18.82
CA GLY A 398 23.56 -31.90 20.06
C GLY A 398 22.07 -31.63 19.96
N MET A 399 21.61 -30.92 18.95
CA MET A 399 20.19 -30.59 18.93
C MET A 399 19.34 -31.87 18.93
N GLN A 400 18.41 -31.94 19.88
CA GLN A 400 17.54 -33.11 20.02
C GLN A 400 16.84 -33.42 18.70
N ALA A 401 16.62 -34.71 18.49
CA ALA A 401 16.00 -35.17 17.24
C ALA A 401 14.56 -34.71 17.11
N ASP A 402 13.85 -34.58 18.24
CA ASP A 402 12.44 -34.27 18.23
C ASP A 402 12.16 -32.78 18.36
N MET A 403 13.19 -31.95 18.22
CA MET A 403 13.03 -30.49 18.17
C MET A 403 12.12 -30.10 17.02
N PRO A 404 11.02 -29.42 17.28
CA PRO A 404 10.09 -29.13 16.18
C PRO A 404 10.65 -28.09 15.21
N VAL A 405 10.29 -28.28 13.93
CA VAL A 405 10.70 -27.38 12.86
C VAL A 405 9.48 -27.05 12.02
N ALA A 406 9.56 -25.93 11.30
CA ALA A 406 8.56 -25.48 10.35
C ALA A 406 9.23 -24.81 9.17
N LEU A 407 8.63 -24.97 8.00
CA LEU A 407 9.06 -24.26 6.80
C LEU A 407 7.87 -23.46 6.32
N VAL A 408 8.06 -22.16 6.16
CA VAL A 408 7.02 -21.25 5.67
C VAL A 408 7.39 -20.84 4.26
N GLU A 409 6.55 -21.21 3.30
CA GLU A 409 6.76 -20.86 1.90
C GLU A 409 5.83 -19.72 1.50
N ASN A 410 6.41 -18.66 0.93
CA ASN A 410 5.67 -17.45 0.56
C ASN A 410 4.90 -16.89 1.76
N GLY A 411 5.64 -16.62 2.85
CA GLY A 411 5.02 -16.16 4.07
C GLY A 411 4.32 -14.81 3.88
N THR A 412 3.13 -14.67 4.47
CA THR A 412 2.24 -13.51 4.49
C THR A 412 1.45 -13.38 3.19
N SER A 413 1.73 -14.19 2.17
CA SER A 413 0.95 -14.26 0.95
C SER A 413 -0.32 -15.11 1.11
N VAL A 414 -1.30 -14.86 0.24
CA VAL A 414 -2.44 -15.76 0.11
C VAL A 414 -2.04 -17.12 -0.42
N LYS A 415 -0.81 -17.26 -0.92
CA LYS A 415 -0.25 -18.54 -1.35
C LYS A 415 0.60 -19.21 -0.26
N GLN A 416 0.57 -18.69 0.97
CA GLN A 416 1.44 -19.18 2.02
C GLN A 416 1.13 -20.64 2.36
N ARG A 417 2.18 -21.46 2.43
CA ARG A 417 2.12 -22.83 2.90
C ARG A 417 3.11 -23.04 4.04
N VAL A 418 2.67 -23.82 5.05
CA VAL A 418 3.44 -24.10 6.25
C VAL A 418 3.47 -25.61 6.46
N VAL A 419 4.63 -26.20 6.26
CA VAL A 419 4.89 -27.57 6.67
C VAL A 419 5.70 -27.52 7.96
N HIS A 420 5.58 -28.57 8.75
CA HIS A 420 6.24 -28.58 10.06
C HIS A 420 6.42 -30.02 10.49
N GLY A 421 7.13 -30.20 11.60
CA GLY A 421 7.47 -31.53 12.09
C GLY A 421 8.55 -31.45 13.15
N VAL A 422 9.39 -32.49 13.19
CA VAL A 422 10.54 -32.53 14.08
C VAL A 422 11.81 -32.55 13.23
N LEU A 423 12.95 -32.40 13.91
CA LEU A 423 14.19 -32.08 13.23
C LEU A 423 14.60 -33.17 12.25
N THR A 424 14.42 -34.44 12.62
CA THR A 424 14.84 -35.51 11.73
C THR A 424 14.00 -35.61 10.47
N GLN A 425 12.99 -34.76 10.31
CA GLN A 425 12.21 -34.74 9.08
C GLN A 425 12.57 -33.55 8.19
N LEU A 426 13.48 -32.68 8.65
CA LEU A 426 13.67 -31.37 8.01
C LEU A 426 14.03 -31.51 6.54
N GLY A 427 14.96 -32.40 6.22
CA GLY A 427 15.29 -32.68 4.83
C GLY A 427 14.09 -33.10 3.99
N GLU A 428 13.27 -34.02 4.53
CA GLU A 428 12.06 -34.44 3.81
C GLU A 428 11.09 -33.27 3.63
N LEU A 429 10.84 -32.52 4.70
CA LEU A 429 9.87 -31.43 4.63
C LEU A 429 10.25 -30.42 3.54
N ALA A 430 11.56 -30.17 3.39
CA ALA A 430 12.04 -29.13 2.49
C ALA A 430 11.73 -29.45 1.04
N GLN A 431 11.59 -30.75 0.74
CA GLN A 431 11.24 -31.19 -0.60
C GLN A 431 9.82 -30.79 -0.97
N GLN A 432 8.99 -30.46 0.00
CA GLN A 432 7.59 -30.11 -0.21
C GLN A 432 7.34 -28.61 -0.30
N VAL A 433 8.39 -27.80 -0.43
CA VAL A 433 8.23 -26.37 -0.66
C VAL A 433 9.29 -25.94 -1.65
N GLU A 434 9.05 -24.79 -2.28
CA GLU A 434 10.04 -24.10 -3.10
C GLU A 434 10.29 -22.71 -2.53
N SER A 435 11.30 -22.06 -3.02
CA SER A 435 11.60 -20.77 -2.46
C SER A 435 10.60 -19.75 -2.99
N PRO A 436 10.40 -18.64 -2.26
CA PRO A 436 11.10 -18.27 -1.03
C PRO A 436 10.53 -18.98 0.19
N ALA A 437 11.39 -19.61 0.97
CA ALA A 437 10.93 -20.25 2.19
C ALA A 437 11.94 -20.03 3.30
N LEU A 438 11.41 -19.93 4.52
CA LEU A 438 12.16 -19.74 5.74
C LEU A 438 12.13 -21.01 6.56
N ILE A 439 13.25 -21.39 7.15
CA ILE A 439 13.30 -22.56 8.04
C ILE A 439 13.36 -22.09 9.49
N ILE A 440 12.35 -22.48 10.28
CA ILE A 440 12.25 -22.14 11.69
C ILE A 440 12.52 -23.39 12.51
N VAL A 441 13.54 -23.35 13.37
CA VAL A 441 13.93 -24.43 14.27
C VAL A 441 13.88 -23.93 15.71
N GLY A 442 13.24 -24.66 16.59
CA GLY A 442 13.08 -24.24 17.96
C GLY A 442 11.73 -24.64 18.53
N ARG A 443 11.64 -24.62 19.86
CA ARG A 443 10.45 -25.13 20.53
C ARG A 443 9.23 -24.21 20.37
N VAL A 444 9.40 -23.01 19.82
CA VAL A 444 8.24 -22.15 19.60
C VAL A 444 7.38 -22.67 18.45
N VAL A 445 7.91 -23.57 17.61
CA VAL A 445 7.16 -24.15 16.49
C VAL A 445 5.95 -24.92 16.99
N ALA A 446 6.03 -25.49 18.21
CA ALA A 446 4.89 -26.18 18.82
C ALA A 446 3.74 -25.23 19.13
N LEU A 447 4.04 -23.95 19.38
CA LEU A 447 2.97 -22.98 19.66
C LEU A 447 2.04 -22.77 18.47
N ARG A 448 2.41 -23.26 17.29
CA ARG A 448 1.61 -22.99 16.09
C ARG A 448 0.15 -23.34 16.30
N ASP A 449 -0.11 -24.48 16.94
CA ASP A 449 -1.47 -25.01 16.94
C ASP A 449 -2.38 -24.20 17.85
N LYS A 450 -1.85 -23.56 18.88
CA LYS A 450 -2.67 -22.64 19.64
C LYS A 450 -2.66 -21.22 19.07
N LEU A 451 -1.64 -20.82 18.32
CA LEU A 451 -1.56 -19.42 17.91
C LEU A 451 -1.87 -19.15 16.44
N ASN A 452 -1.96 -20.17 15.59
CA ASN A 452 -2.04 -19.95 14.14
C ASN A 452 -3.40 -19.35 13.76
N TRP A 453 -3.39 -18.13 13.23
CA TRP A 453 -4.61 -17.36 12.96
C TRP A 453 -4.87 -17.06 11.48
N PHE A 454 -3.89 -17.26 10.59
CA PHE A 454 -3.98 -16.69 9.24
C PHE A 454 -4.53 -17.64 8.18
N SER A 455 -4.29 -18.95 8.31
CA SER A 455 -4.82 -19.93 7.38
C SER A 455 -4.23 -21.30 7.63
N ASN A 456 -4.96 -22.33 7.18
CA ASN A 456 -4.40 -23.66 6.99
C ASN A 456 -3.96 -23.88 5.55
N HIS A 457 -3.63 -22.78 4.85
CA HIS A 457 -3.25 -22.68 3.42
C HIS A 457 -4.45 -22.79 2.47
N MET B 1 -18.83 22.45 -11.21
CA MET B 1 -18.21 21.21 -11.67
C MET B 1 -17.85 21.31 -13.14
N ASP B 2 -16.66 20.82 -13.48
CA ASP B 2 -16.13 21.00 -14.82
C ASP B 2 -15.87 19.69 -15.55
N HIS B 3 -15.76 18.59 -14.84
CA HIS B 3 -15.72 17.27 -15.44
C HIS B 3 -16.66 16.37 -14.67
N LEU B 4 -17.33 15.49 -15.39
CA LEU B 4 -18.19 14.50 -14.79
C LEU B 4 -17.44 13.18 -14.68
N PRO B 5 -17.20 12.66 -13.48
CA PRO B 5 -16.57 11.35 -13.40
C PRO B 5 -17.57 10.25 -13.75
N ILE B 6 -17.15 9.29 -14.60
CA ILE B 6 -17.93 8.09 -14.85
C ILE B 6 -16.99 6.89 -14.79
N PHE B 7 -17.57 5.74 -14.53
CA PHE B 7 -16.80 4.51 -14.42
C PHE B 7 -17.13 3.67 -15.67
N CYS B 8 -16.19 3.62 -16.61
CA CYS B 8 -16.43 2.97 -17.90
C CYS B 8 -16.24 1.47 -17.81
N GLN B 9 -17.20 0.73 -18.34
CA GLN B 9 -17.03 -0.70 -18.55
C GLN B 9 -16.35 -0.90 -19.92
N LEU B 10 -15.11 -1.34 -19.91
CA LEU B 10 -14.31 -1.41 -21.13
C LEU B 10 -14.03 -2.83 -21.62
N ARG B 11 -14.52 -3.85 -20.90
N ARG B 11 -14.52 -3.85 -20.90
CA ARG B 11 -14.27 -5.24 -21.27
CA ARG B 11 -14.23 -5.24 -21.26
C ARG B 11 -14.61 -5.49 -22.73
C ARG B 11 -14.62 -5.52 -22.70
N ASP B 12 -13.61 -5.87 -23.52
CA ASP B 12 -13.78 -6.21 -24.93
C ASP B 12 -14.39 -5.07 -25.75
N ARG B 13 -14.21 -3.82 -25.32
CA ARG B 13 -14.55 -2.68 -26.16
C ARG B 13 -13.28 -2.15 -26.80
N ASP B 14 -13.41 -1.76 -28.07
CA ASP B 14 -12.27 -1.28 -28.84
C ASP B 14 -11.86 0.10 -28.36
N CYS B 15 -10.60 0.19 -27.94
CA CYS B 15 -9.96 1.44 -27.58
C CYS B 15 -8.65 1.55 -28.34
N LEU B 16 -8.21 2.79 -28.50
CA LEU B 16 -7.04 3.09 -29.29
C LEU B 16 -6.09 3.96 -28.49
N ILE B 17 -4.81 3.59 -28.51
CA ILE B 17 -3.71 4.44 -28.07
C ILE B 17 -2.86 4.79 -29.28
N VAL B 18 -2.53 6.08 -29.44
CA VAL B 18 -1.61 6.53 -30.47
C VAL B 18 -0.30 6.93 -29.78
N GLY B 19 0.79 6.28 -30.18
CA GLY B 19 2.09 6.43 -29.55
C GLY B 19 2.63 5.09 -29.07
N GLY B 20 3.94 4.95 -28.95
CA GLY B 20 4.49 3.66 -28.57
C GLY B 20 5.68 3.69 -27.62
N GLY B 21 5.77 4.74 -26.81
CA GLY B 21 6.85 4.91 -25.87
C GLY B 21 6.41 4.59 -24.45
N ASP B 22 7.19 5.11 -23.48
CA ASP B 22 6.92 4.87 -22.08
C ASP B 22 5.54 5.39 -21.69
N VAL B 23 5.19 6.58 -22.17
CA VAL B 23 3.91 7.16 -21.82
C VAL B 23 2.78 6.29 -22.34
N ALA B 24 2.82 5.96 -23.63
CA ALA B 24 1.79 5.08 -24.18
C ALA B 24 1.76 3.75 -23.44
N GLU B 25 2.92 3.24 -23.02
CA GLU B 25 2.98 1.92 -22.40
C GLU B 25 2.27 1.91 -21.06
N ARG B 26 2.38 3.01 -20.30
CA ARG B 26 1.69 3.09 -19.02
C ARG B 26 0.19 3.14 -19.22
N LYS B 27 -0.26 3.86 -20.24
CA LYS B 27 -1.70 3.93 -20.50
CA LYS B 27 -1.70 3.93 -20.50
C LYS B 27 -2.21 2.59 -21.02
N ALA B 28 -1.42 1.93 -21.89
CA ALA B 28 -1.79 0.61 -22.40
C ALA B 28 -2.02 -0.37 -21.26
N ARG B 29 -1.14 -0.32 -20.25
CA ARG B 29 -1.24 -1.26 -19.14
C ARG B 29 -2.51 -1.04 -18.32
N LEU B 30 -2.85 0.24 -18.08
CA LEU B 30 -4.11 0.60 -17.41
C LEU B 30 -5.33 0.15 -18.21
N LEU B 31 -5.31 0.38 -19.53
CA LEU B 31 -6.42 -0.07 -20.36
C LEU B 31 -6.50 -1.59 -20.42
N LEU B 32 -5.35 -2.27 -20.35
CA LEU B 32 -5.35 -3.74 -20.31
C LEU B 32 -5.95 -4.24 -19.00
N GLU B 33 -5.54 -3.65 -17.87
CA GLU B 33 -6.13 -4.01 -16.57
C GLU B 33 -7.66 -3.91 -16.60
N ALA B 34 -8.21 -3.03 -17.44
CA ALA B 34 -9.65 -2.86 -17.57
C ALA B 34 -10.25 -3.73 -18.66
N GLY B 35 -9.44 -4.55 -19.34
CA GLY B 35 -9.99 -5.53 -20.26
C GLY B 35 -10.35 -5.00 -21.62
N ALA B 36 -9.86 -3.82 -21.97
CA ALA B 36 -10.16 -3.21 -23.27
C ALA B 36 -9.69 -4.08 -24.43
N ARG B 37 -10.36 -3.95 -25.55
CA ARG B 37 -9.85 -4.56 -26.77
C ARG B 37 -8.91 -3.52 -27.37
N LEU B 38 -7.62 -3.66 -27.09
CA LEU B 38 -6.70 -2.55 -27.29
C LEU B 38 -5.91 -2.70 -28.59
N THR B 39 -5.95 -1.63 -29.39
CA THR B 39 -5.08 -1.42 -30.55
C THR B 39 -4.11 -0.28 -30.23
N VAL B 40 -2.86 -0.41 -30.66
CA VAL B 40 -1.84 0.60 -30.38
C VAL B 40 -1.14 0.96 -31.68
N ASN B 41 -1.25 2.23 -32.07
CA ASN B 41 -0.78 2.75 -33.35
C ASN B 41 0.32 3.79 -33.11
N ALA B 42 1.51 3.50 -33.62
CA ALA B 42 2.69 4.32 -33.35
C ALA B 42 3.67 4.14 -34.49
N LEU B 43 4.58 5.12 -34.65
CA LEU B 43 5.63 4.98 -35.66
C LEU B 43 6.66 3.92 -35.28
N THR B 44 6.88 3.73 -33.98
CA THR B 44 7.72 2.67 -33.44
C THR B 44 7.23 2.37 -32.02
N PHE B 45 7.53 1.17 -31.56
CA PHE B 45 7.10 0.65 -30.27
C PHE B 45 8.32 0.23 -29.42
N ILE B 46 8.25 0.49 -28.13
CA ILE B 46 9.25 -0.04 -27.20
C ILE B 46 8.92 -1.52 -26.96
N PRO B 47 9.87 -2.33 -26.47
CA PRO B 47 9.66 -3.79 -26.44
C PRO B 47 8.39 -4.26 -25.74
N GLN B 48 8.10 -3.70 -24.57
CA GLN B 48 6.92 -4.08 -23.81
C GLN B 48 5.71 -4.27 -24.72
N PHE B 49 5.57 -3.40 -25.71
CA PHE B 49 4.46 -3.53 -26.64
C PHE B 49 4.54 -4.82 -27.46
N THR B 50 5.71 -5.18 -27.98
CA THR B 50 5.75 -6.38 -28.81
C THR B 50 5.62 -7.65 -27.97
N VAL B 51 6.12 -7.63 -26.74
CA VAL B 51 5.81 -8.71 -25.80
C VAL B 51 4.30 -8.85 -25.65
N TRP B 52 3.63 -7.77 -25.24
CA TRP B 52 2.18 -7.76 -25.14
C TRP B 52 1.53 -8.27 -26.42
N ALA B 53 2.09 -7.93 -27.58
CA ALA B 53 1.51 -8.40 -28.84
C ALA B 53 1.69 -9.90 -29.01
N ASN B 54 2.85 -10.43 -28.59
CA ASN B 54 3.12 -11.85 -28.78
C ASN B 54 2.32 -12.73 -27.82
N GLU B 55 1.98 -12.25 -26.62
CA GLU B 55 1.10 -12.98 -25.73
C GLU B 55 -0.38 -12.77 -26.05
N GLY B 56 -0.73 -12.29 -27.24
CA GLY B 56 -2.10 -12.12 -27.67
C GLY B 56 -2.91 -11.02 -27.00
N MET B 57 -2.27 -10.17 -26.18
CA MET B 57 -2.98 -9.30 -25.26
C MET B 57 -3.48 -7.99 -25.87
N LEU B 58 -3.03 -7.61 -27.09
CA LEU B 58 -3.42 -6.40 -27.80
C LEU B 58 -2.98 -6.52 -29.26
N THR B 59 -3.31 -5.49 -30.06
CA THR B 59 -2.94 -5.41 -31.46
C THR B 59 -2.15 -4.12 -31.71
N LEU B 60 -1.09 -4.24 -32.54
CA LEU B 60 -0.21 -3.13 -32.89
C LEU B 60 -0.43 -2.72 -34.34
N VAL B 61 -0.47 -1.42 -34.62
CA VAL B 61 -0.45 -0.93 -35.99
C VAL B 61 0.78 -0.01 -36.13
N GLU B 62 1.84 -0.56 -36.74
CA GLU B 62 3.09 0.17 -36.97
C GLU B 62 2.95 1.11 -38.17
N GLY B 63 3.11 2.41 -37.93
CA GLY B 63 2.97 3.38 -38.99
C GLY B 63 2.35 4.68 -38.51
N PRO B 64 2.11 5.62 -39.44
CA PRO B 64 1.48 6.89 -39.07
C PRO B 64 0.06 6.70 -38.57
N PHE B 65 -0.43 7.68 -37.81
CA PHE B 65 -1.80 7.63 -37.32
C PHE B 65 -2.80 7.60 -38.47
N ASP B 66 -3.66 6.59 -38.46
CA ASP B 66 -4.72 6.43 -39.44
C ASP B 66 -6.04 6.56 -38.71
N GLU B 67 -6.79 7.62 -38.99
CA GLU B 67 -7.97 7.85 -38.17
C GLU B 67 -9.08 6.84 -38.39
N THR B 68 -8.98 5.98 -39.41
CA THR B 68 -9.99 4.92 -39.52
C THR B 68 -9.86 3.87 -38.43
N LEU B 69 -8.69 3.77 -37.80
CA LEU B 69 -8.57 2.96 -36.57
C LEU B 69 -9.51 3.42 -35.47
N LEU B 70 -10.05 4.64 -35.56
CA LEU B 70 -11.04 5.14 -34.61
C LEU B 70 -12.45 4.68 -34.92
N ASP B 71 -12.66 3.97 -36.04
CA ASP B 71 -14.00 3.83 -36.61
C ASP B 71 -14.97 3.07 -35.69
N SER B 72 -14.53 2.00 -35.06
CA SER B 72 -15.37 1.28 -34.11
C SER B 72 -14.88 1.46 -32.67
N CYS B 73 -14.35 2.63 -32.37
N CYS B 73 -14.33 2.62 -32.35
CA CYS B 73 -13.66 2.87 -31.11
CA CYS B 73 -13.63 2.81 -31.09
C CYS B 73 -14.59 3.48 -30.07
C CYS B 73 -14.52 3.51 -30.07
N TRP B 74 -14.36 3.12 -28.81
CA TRP B 74 -15.05 3.71 -27.67
C TRP B 74 -14.22 4.75 -26.93
N LEU B 75 -12.90 4.62 -26.98
CA LEU B 75 -12.03 5.48 -26.19
CA LEU B 75 -12.02 5.46 -26.19
C LEU B 75 -10.70 5.61 -26.92
N ALA B 76 -10.13 6.81 -26.88
CA ALA B 76 -8.89 7.11 -27.57
C ALA B 76 -7.95 7.90 -26.65
N ILE B 77 -6.66 7.59 -26.77
CA ILE B 77 -5.62 8.24 -26.00
C ILE B 77 -4.51 8.66 -26.95
N ALA B 78 -4.17 9.96 -26.94
CA ALA B 78 -3.04 10.49 -27.70
C ALA B 78 -1.83 10.55 -26.77
N ALA B 79 -0.83 9.71 -27.02
CA ALA B 79 0.34 9.54 -26.16
C ALA B 79 1.64 9.56 -26.97
N THR B 80 1.74 10.50 -27.92
CA THR B 80 2.97 10.72 -28.67
C THR B 80 3.66 12.00 -28.18
N ASP B 81 4.91 12.18 -28.61
CA ASP B 81 5.68 13.39 -28.33
C ASP B 81 5.52 14.45 -29.40
N ASP B 82 4.56 14.26 -30.31
CA ASP B 82 4.39 15.08 -31.49
C ASP B 82 3.01 15.74 -31.36
N ASP B 83 3.01 17.02 -31.02
CA ASP B 83 1.77 17.77 -30.83
C ASP B 83 0.90 17.70 -32.06
N THR B 84 1.52 17.76 -33.24
CA THR B 84 0.76 17.67 -34.49
C THR B 84 -0.04 16.38 -34.56
N VAL B 85 0.61 15.25 -34.23
CA VAL B 85 -0.11 13.97 -34.21
C VAL B 85 -1.20 14.01 -33.15
N ASN B 86 -0.86 14.48 -31.96
CA ASN B 86 -1.84 14.45 -30.88
C ASN B 86 -3.06 15.28 -31.23
N GLN B 87 -2.87 16.43 -31.88
CA GLN B 87 -3.99 17.24 -32.31
C GLN B 87 -4.80 16.53 -33.39
N ARG B 88 -4.12 15.95 -34.38
CA ARG B 88 -4.83 15.19 -35.40
CA ARG B 88 -4.84 15.20 -35.39
C ARG B 88 -5.66 14.09 -34.76
N VAL B 89 -5.12 13.41 -33.76
CA VAL B 89 -5.82 12.32 -33.11
C VAL B 89 -7.06 12.85 -32.38
N SER B 90 -6.85 13.78 -31.46
CA SER B 90 -7.99 14.28 -30.69
C SER B 90 -9.06 14.87 -31.59
N ASP B 91 -8.67 15.58 -32.66
CA ASP B 91 -9.64 16.08 -33.63
C ASP B 91 -10.39 14.92 -34.30
N ALA B 92 -9.65 13.91 -34.75
CA ALA B 92 -10.32 12.75 -35.33
C ALA B 92 -11.31 12.15 -34.33
N ALA B 93 -10.98 12.20 -33.03
CA ALA B 93 -11.84 11.60 -32.01
C ALA B 93 -13.06 12.46 -31.73
N GLU B 94 -12.93 13.79 -31.85
CA GLU B 94 -14.03 14.66 -31.50
C GLU B 94 -15.13 14.61 -32.55
N SER B 95 -14.74 14.58 -33.82
CA SER B 95 -15.72 14.51 -34.88
C SER B 95 -16.45 13.16 -34.87
N ARG B 96 -15.88 12.12 -34.25
CA ARG B 96 -16.58 10.87 -34.01
C ARG B 96 -17.29 10.80 -32.67
N ARG B 97 -17.14 11.82 -31.81
CA ARG B 97 -17.68 11.81 -30.45
C ARG B 97 -17.14 10.62 -29.67
N ILE B 98 -15.84 10.35 -29.85
CA ILE B 98 -15.10 9.41 -29.04
C ILE B 98 -14.35 10.19 -27.97
N PHE B 99 -14.67 9.91 -26.71
CA PHE B 99 -13.95 10.55 -25.61
C PHE B 99 -12.45 10.29 -25.74
N CYS B 100 -11.67 11.36 -25.58
CA CYS B 100 -10.27 11.33 -25.93
C CYS B 100 -9.43 12.05 -24.88
N ASN B 101 -8.28 11.47 -24.56
CA ASN B 101 -7.31 12.07 -23.67
C ASN B 101 -6.03 12.37 -24.42
N VAL B 102 -5.44 13.54 -24.18
CA VAL B 102 -4.10 13.87 -24.66
C VAL B 102 -3.22 13.90 -23.42
N VAL B 103 -2.34 12.92 -23.26
N VAL B 103 -2.49 12.81 -23.19
CA VAL B 103 -1.67 12.63 -21.99
CA VAL B 103 -1.53 12.73 -22.10
C VAL B 103 -1.24 13.87 -21.19
C VAL B 103 -0.48 13.76 -22.42
N ASP B 104 -0.44 14.76 -21.79
N ASP B 104 -0.51 14.86 -21.67
CA ASP B 104 0.08 15.91 -21.06
CA ASP B 104 0.39 16.02 -21.64
C ASP B 104 -0.51 17.23 -21.59
C ASP B 104 -0.44 17.28 -21.74
N ALA B 105 -1.72 17.17 -22.11
CA ALA B 105 -2.52 18.36 -22.43
C ALA B 105 -3.95 18.18 -21.93
N PRO B 106 -4.16 18.33 -20.61
CA PRO B 106 -5.49 18.07 -20.02
C PRO B 106 -6.67 18.78 -20.67
N LYS B 107 -6.49 19.93 -21.31
CA LYS B 107 -7.65 20.60 -21.89
C LYS B 107 -7.70 20.56 -23.41
N ALA B 108 -6.71 19.96 -24.05
CA ALA B 108 -6.94 19.50 -25.42
C ALA B 108 -7.99 18.41 -25.44
N ALA B 109 -8.02 17.59 -24.40
CA ALA B 109 -8.74 16.33 -24.36
C ALA B 109 -10.23 16.56 -24.19
N SER B 110 -11.00 15.49 -24.38
CA SER B 110 -12.39 15.48 -23.93
C SER B 110 -12.57 14.66 -22.66
N PHE B 111 -11.54 13.94 -22.20
CA PHE B 111 -11.55 13.43 -20.84
C PHE B 111 -10.16 13.44 -20.22
N ILE B 112 -10.14 13.36 -18.88
CA ILE B 112 -8.93 13.34 -18.08
C ILE B 112 -8.85 11.99 -17.38
N MET B 113 -7.64 11.42 -17.32
CA MET B 113 -7.43 10.22 -16.52
C MET B 113 -7.09 10.58 -15.08
N PRO B 114 -7.92 10.22 -14.12
CA PRO B 114 -7.66 10.57 -12.72
C PRO B 114 -6.65 9.59 -12.13
N SER B 115 -6.27 9.87 -10.89
CA SER B 115 -5.56 8.89 -10.10
C SER B 115 -6.52 7.83 -9.59
N ILE B 116 -6.10 6.58 -9.59
CA ILE B 116 -6.99 5.45 -9.34
C ILE B 116 -6.52 4.66 -8.13
N ILE B 117 -7.44 4.43 -7.19
CA ILE B 117 -7.23 3.47 -6.11
C ILE B 117 -8.12 2.28 -6.44
N ASP B 118 -7.48 1.16 -6.76
CA ASP B 118 -8.16 -0.02 -7.30
C ASP B 118 -8.39 -1.03 -6.19
N ARG B 119 -9.65 -1.19 -5.78
CA ARG B 119 -10.05 -2.25 -4.85
C ARG B 119 -11.19 -3.04 -5.44
N SER B 120 -11.19 -3.16 -6.79
CA SER B 120 -12.17 -3.86 -7.64
C SER B 120 -12.92 -4.97 -6.91
N PRO B 121 -14.25 -4.97 -6.95
CA PRO B 121 -15.10 -4.02 -7.69
C PRO B 121 -15.21 -2.61 -7.09
N LEU B 122 -14.60 -2.36 -5.93
CA LEU B 122 -14.67 -1.02 -5.34
C LEU B 122 -13.53 -0.16 -5.85
N MET B 123 -13.85 1.05 -6.31
CA MET B 123 -12.82 1.88 -6.91
C MET B 123 -12.99 3.30 -6.44
N VAL B 124 -11.85 3.98 -6.27
CA VAL B 124 -11.86 5.41 -6.01
C VAL B 124 -10.98 6.09 -7.04
N ALA B 125 -11.44 7.24 -7.51
CA ALA B 125 -10.75 8.05 -8.50
C ALA B 125 -10.60 9.47 -7.95
N VAL B 126 -9.41 10.05 -8.19
CA VAL B 126 -9.09 11.39 -7.70
C VAL B 126 -8.62 12.22 -8.88
N SER B 127 -9.31 13.32 -9.15
CA SER B 127 -8.84 14.27 -10.13
C SER B 127 -9.14 15.69 -9.68
N ALA B 128 -8.28 16.61 -10.08
CA ALA B 128 -8.49 18.04 -9.94
C ALA B 128 -8.60 18.73 -11.30
N GLY B 129 -8.89 17.97 -12.35
CA GLY B 129 -9.10 18.56 -13.66
C GLY B 129 -7.86 19.17 -14.28
N GLY B 130 -6.68 18.63 -14.00
CA GLY B 130 -5.46 19.16 -14.58
C GLY B 130 -4.78 20.27 -13.79
N THR B 131 -5.43 20.83 -12.75
CA THR B 131 -4.83 21.93 -12.00
C THR B 131 -3.81 21.49 -10.97
N SER B 132 -3.85 20.22 -10.49
CA SER B 132 -3.06 19.80 -9.33
C SER B 132 -2.63 18.33 -9.32
N PRO B 133 -1.92 17.84 -10.34
CA PRO B 133 -1.63 16.39 -10.38
C PRO B 133 -0.85 15.87 -9.17
N VAL B 134 0.12 16.63 -8.68
CA VAL B 134 0.81 16.27 -7.42
C VAL B 134 -0.19 16.08 -6.28
N LEU B 135 -1.16 17.00 -6.17
CA LEU B 135 -2.19 16.89 -5.13
C LEU B 135 -2.99 15.60 -5.30
N ALA B 136 -3.39 15.31 -6.53
CA ALA B 136 -4.06 14.05 -6.86
C ALA B 136 -3.24 12.86 -6.40
N ARG B 137 -1.95 12.89 -6.68
CA ARG B 137 -1.06 11.81 -6.27
C ARG B 137 -0.92 11.75 -4.75
N LEU B 138 -0.84 12.90 -4.09
CA LEU B 138 -0.83 12.91 -2.64
C LEU B 138 -2.09 12.27 -2.08
N LEU B 139 -3.25 12.58 -2.66
CA LEU B 139 -4.49 11.97 -2.22
C LEU B 139 -4.58 10.49 -2.58
N ARG B 140 -4.04 10.06 -3.73
CA ARG B 140 -4.01 8.63 -3.99
C ARG B 140 -3.23 7.89 -2.92
N GLU B 141 -2.03 8.41 -2.58
CA GLU B 141 -1.18 7.78 -1.57
C GLU B 141 -1.94 7.54 -0.27
N LYS B 142 -2.66 8.57 0.20
CA LYS B 142 -3.32 8.43 1.49
C LYS B 142 -4.47 7.42 1.39
N LEU B 143 -5.28 7.51 0.33
CA LEU B 143 -6.36 6.54 0.16
C LEU B 143 -5.82 5.12 0.05
N GLU B 144 -4.68 4.95 -0.65
CA GLU B 144 -4.07 3.62 -0.67
C GLU B 144 -3.77 3.14 0.74
N SER B 145 -3.25 4.03 1.60
CA SER B 145 -2.93 3.63 2.96
C SER B 145 -4.18 3.29 3.78
N LEU B 146 -5.30 3.94 3.48
CA LEU B 146 -6.50 3.79 4.28
C LEU B 146 -7.39 2.63 3.85
N LEU B 147 -7.31 2.21 2.59
CA LEU B 147 -8.22 1.19 2.07
C LEU B 147 -7.57 -0.17 2.10
N PRO B 148 -8.08 -1.13 2.88
CA PRO B 148 -7.43 -2.45 2.92
C PRO B 148 -7.32 -3.09 1.54
N GLN B 149 -6.28 -3.92 1.41
CA GLN B 149 -5.94 -4.53 0.13
C GLN B 149 -7.07 -5.41 -0.40
N HIS B 150 -7.84 -6.06 0.49
CA HIS B 150 -8.85 -7.03 0.06
C HIS B 150 -10.26 -6.59 0.40
N LEU B 151 -10.47 -5.27 0.54
CA LEU B 151 -11.82 -4.72 0.60
C LEU B 151 -12.66 -5.15 -0.60
N GLY B 152 -12.01 -5.32 -1.76
CA GLY B 152 -12.73 -5.74 -2.94
C GLY B 152 -13.39 -7.10 -2.78
N GLN B 153 -12.68 -8.06 -2.18
CA GLN B 153 -13.27 -9.37 -1.93
C GLN B 153 -14.56 -9.25 -1.15
N VAL B 154 -14.50 -8.45 -0.08
CA VAL B 154 -15.68 -8.19 0.74
C VAL B 154 -16.77 -7.49 -0.07
N ALA B 155 -16.37 -6.55 -0.92
CA ALA B 155 -17.35 -5.88 -1.76
C ALA B 155 -18.16 -6.91 -2.56
N ARG B 156 -17.44 -7.83 -3.23
CA ARG B 156 -18.10 -8.88 -4.01
CA ARG B 156 -18.10 -8.88 -4.01
C ARG B 156 -19.02 -9.71 -3.13
N TYR B 157 -18.45 -10.34 -2.09
CA TYR B 157 -19.21 -11.24 -1.22
C TYR B 157 -20.46 -10.56 -0.66
N ALA B 158 -20.41 -9.23 -0.52
CA ALA B 158 -21.52 -8.49 0.09
C ALA B 158 -22.73 -8.50 -0.83
N GLY B 159 -22.59 -7.91 -2.02
CA GLY B 159 -23.71 -7.85 -2.94
C GLY B 159 -24.36 -9.19 -3.17
N GLN B 160 -23.55 -10.25 -3.19
CA GLN B 160 -24.06 -11.60 -3.29
C GLN B 160 -24.76 -11.98 -1.99
N LEU B 161 -24.03 -12.13 -0.89
CA LEU B 161 -24.71 -12.52 0.34
C LEU B 161 -25.44 -11.29 0.88
N ARG B 162 -26.49 -10.95 0.15
CA ARG B 162 -27.66 -10.33 0.74
CA ARG B 162 -27.68 -10.30 0.69
C ARG B 162 -28.88 -11.21 0.52
N ALA B 163 -28.66 -12.48 0.17
CA ALA B 163 -29.73 -13.46 0.15
C ALA B 163 -30.36 -13.57 1.54
N ARG B 164 -29.53 -13.44 2.57
CA ARG B 164 -30.00 -13.06 3.88
C ARG B 164 -30.18 -11.55 3.84
N VAL B 165 -31.28 -11.15 3.19
CA VAL B 165 -31.62 -9.77 2.82
C VAL B 165 -31.93 -8.96 4.07
N LYS B 166 -33.22 -8.65 4.23
CA LYS B 166 -33.77 -8.28 5.52
C LYS B 166 -33.88 -9.48 6.46
N LYS B 167 -33.78 -10.70 5.93
CA LYS B 167 -33.55 -11.96 6.63
C LYS B 167 -33.74 -11.94 8.14
N GLN B 168 -32.88 -11.19 8.83
CA GLN B 168 -33.07 -10.90 10.24
C GLN B 168 -33.03 -9.41 10.57
N PHE B 169 -33.05 -8.54 9.55
CA PHE B 169 -32.89 -7.09 9.77
C PHE B 169 -33.87 -6.33 8.87
N ALA B 170 -35.00 -5.91 9.45
CA ALA B 170 -35.97 -5.18 8.65
C ALA B 170 -35.64 -3.68 8.57
N THR B 171 -35.11 -3.11 9.65
CA THR B 171 -34.72 -1.70 9.64
C THR B 171 -33.51 -1.50 8.75
N MET B 172 -33.61 -0.54 7.83
CA MET B 172 -32.44 0.09 7.25
C MET B 172 -31.40 0.45 8.32
N GLY B 173 -31.83 0.87 9.51
CA GLY B 173 -30.89 1.13 10.60
C GLY B 173 -30.23 -0.14 11.10
N GLU B 174 -31.01 -1.21 11.27
CA GLU B 174 -30.41 -2.49 11.66
C GLU B 174 -29.44 -2.98 10.58
N ARG B 175 -29.86 -2.93 9.32
CA ARG B 175 -29.06 -3.50 8.24
C ARG B 175 -27.73 -2.78 8.13
N ARG B 176 -27.78 -1.46 8.08
CA ARG B 176 -26.54 -0.74 7.87
C ARG B 176 -25.56 -0.92 9.02
N ARG B 177 -26.03 -1.35 10.20
CA ARG B 177 -25.10 -1.71 11.28
C ARG B 177 -24.51 -3.10 11.07
N PHE B 178 -25.25 -3.99 10.41
CA PHE B 178 -24.67 -5.27 10.00
C PHE B 178 -23.64 -5.07 8.92
N TRP B 179 -23.96 -4.24 7.92
CA TRP B 179 -22.98 -3.91 6.90
C TRP B 179 -21.78 -3.23 7.50
N GLU B 180 -21.97 -2.47 8.58
CA GLU B 180 -20.85 -1.87 9.28
C GLU B 180 -19.94 -2.95 9.88
N LYS B 181 -20.51 -3.85 10.70
CA LYS B 181 -19.78 -5.03 11.16
C LYS B 181 -19.05 -5.70 10.00
N PHE B 182 -19.73 -5.82 8.87
CA PHE B 182 -19.34 -6.72 7.80
C PHE B 182 -18.10 -6.24 7.06
N PHE B 183 -18.10 -4.97 6.66
CA PHE B 183 -17.07 -4.45 5.78
C PHE B 183 -15.76 -4.16 6.49
N VAL B 184 -15.78 -4.02 7.82
CA VAL B 184 -14.54 -3.81 8.56
C VAL B 184 -14.02 -5.09 9.21
N ASN B 185 -14.73 -6.21 9.03
CA ASN B 185 -14.22 -7.47 9.56
C ASN B 185 -13.12 -7.95 8.63
N ASP B 186 -11.88 -7.64 8.97
CA ASP B 186 -10.78 -7.95 8.08
C ASP B 186 -10.37 -9.41 8.13
N ARG B 187 -10.86 -10.17 9.11
CA ARG B 187 -10.60 -11.60 9.11
C ARG B 187 -11.43 -12.32 8.04
N LEU B 188 -12.73 -12.03 7.97
CA LEU B 188 -13.53 -12.42 6.79
C LEU B 188 -12.84 -12.05 5.49
N ALA B 189 -12.19 -10.89 5.45
CA ALA B 189 -11.59 -10.38 4.22
C ALA B 189 -10.39 -11.22 3.80
N GLN B 190 -9.51 -11.56 4.74
CA GLN B 190 -8.34 -12.33 4.35
C GLN B 190 -8.70 -13.78 4.11
N SER B 191 -9.62 -14.32 4.91
CA SER B 191 -10.16 -15.65 4.64
C SER B 191 -10.80 -15.71 3.25
N LEU B 192 -11.50 -14.66 2.82
CA LEU B 192 -11.86 -14.58 1.41
C LEU B 192 -10.61 -14.59 0.53
N ALA B 193 -9.62 -13.77 0.88
CA ALA B 193 -8.45 -13.57 0.01
C ALA B 193 -7.62 -14.85 -0.08
N ASN B 194 -7.48 -15.59 1.03
CA ASN B 194 -6.72 -16.83 1.09
CA ASN B 194 -6.69 -16.82 1.02
C ASN B 194 -7.47 -18.02 0.47
N ALA B 195 -8.75 -17.84 0.16
CA ALA B 195 -9.70 -18.83 -0.36
C ALA B 195 -10.12 -19.89 0.66
N ASP B 196 -9.50 -19.94 1.84
CA ASP B 196 -9.92 -20.77 2.96
C ASP B 196 -11.43 -20.63 3.21
N GLU B 197 -12.27 -21.34 2.46
CA GLU B 197 -13.70 -21.11 2.68
C GLU B 197 -14.28 -21.97 3.78
N LYS B 198 -13.46 -22.69 4.53
CA LYS B 198 -13.93 -23.19 5.82
C LYS B 198 -13.83 -22.09 6.88
N ALA B 199 -12.75 -21.30 6.82
CA ALA B 199 -12.66 -20.10 7.64
C ALA B 199 -13.58 -18.98 7.17
N VAL B 200 -14.15 -19.06 5.94
CA VAL B 200 -15.11 -18.06 5.51
C VAL B 200 -16.39 -18.24 6.32
N ASN B 201 -17.16 -19.30 6.01
CA ASN B 201 -18.45 -19.46 6.66
C ASN B 201 -18.34 -19.60 8.17
N ALA B 202 -17.17 -19.98 8.67
CA ALA B 202 -16.89 -19.80 10.08
C ALA B 202 -17.13 -18.35 10.45
N THR B 203 -16.30 -17.45 9.92
CA THR B 203 -16.45 -16.02 10.19
C THR B 203 -17.79 -15.48 9.69
N THR B 204 -18.37 -16.07 8.65
CA THR B 204 -19.64 -15.58 8.12
C THR B 204 -20.77 -15.76 9.14
N GLU B 205 -21.02 -17.00 9.55
CA GLU B 205 -22.20 -17.25 10.37
C GLU B 205 -22.02 -16.82 11.81
N ARG B 206 -20.77 -16.60 12.27
CA ARG B 206 -20.58 -15.85 13.50
C ARG B 206 -21.17 -14.44 13.37
N LEU B 207 -20.93 -13.79 12.22
CA LEU B 207 -21.48 -12.46 11.96
C LEU B 207 -23.01 -12.46 11.99
N PHE B 208 -23.62 -13.47 11.39
CA PHE B 208 -25.08 -13.60 11.39
C PHE B 208 -25.65 -14.16 12.68
N SER B 209 -24.85 -14.83 13.48
CA SER B 209 -25.31 -15.40 14.75
C SER B 209 -25.17 -14.42 15.91
N GLU B 210 -23.94 -13.97 16.20
CA GLU B 210 -23.64 -13.15 17.37
C GLU B 210 -24.53 -11.91 17.42
N PRO B 211 -24.70 -11.32 18.60
CA PRO B 211 -25.51 -10.10 18.72
C PRO B 211 -24.97 -8.98 17.82
N LEU B 212 -25.90 -8.16 17.29
CA LEU B 212 -25.50 -7.20 16.27
C LEU B 212 -24.55 -6.14 16.83
N ASP B 213 -24.67 -5.80 18.12
CA ASP B 213 -23.72 -4.88 18.73
C ASP B 213 -22.34 -5.50 18.90
N HIS B 214 -22.25 -6.83 18.93
CA HIS B 214 -21.00 -7.49 19.27
C HIS B 214 -20.06 -7.50 18.07
N ARG B 215 -18.81 -7.08 18.31
CA ARG B 215 -17.72 -7.03 17.35
C ARG B 215 -16.45 -7.64 17.93
N GLY B 216 -16.56 -8.47 18.98
CA GLY B 216 -15.40 -8.90 19.73
C GLY B 216 -14.25 -9.53 18.97
N GLU B 217 -13.13 -8.82 18.85
CA GLU B 217 -11.90 -9.44 18.37
C GLU B 217 -10.72 -8.69 18.97
N VAL B 218 -9.53 -9.30 18.86
CA VAL B 218 -8.29 -8.70 19.31
C VAL B 218 -7.33 -8.70 18.14
N VAL B 219 -6.61 -7.59 17.95
CA VAL B 219 -5.49 -7.56 17.01
C VAL B 219 -4.27 -7.08 17.76
N LEU B 220 -3.21 -7.89 17.74
CA LEU B 220 -1.86 -7.43 18.10
C LEU B 220 -1.27 -6.63 16.95
N VAL B 221 -1.02 -5.35 17.18
CA VAL B 221 -0.40 -4.50 16.16
C VAL B 221 0.96 -4.07 16.69
N GLY B 222 2.02 -4.39 15.93
CA GLY B 222 3.34 -3.84 16.20
C GLY B 222 3.45 -2.40 15.69
N ALA B 223 3.83 -1.46 16.58
CA ALA B 223 3.94 -0.04 16.21
C ALA B 223 5.29 0.33 15.62
N GLY B 224 6.23 -0.61 15.54
CA GLY B 224 7.58 -0.24 15.22
C GLY B 224 8.22 0.50 16.38
N PRO B 225 9.44 0.98 16.18
CA PRO B 225 10.22 1.51 17.30
C PRO B 225 9.96 2.96 17.64
N GLY B 226 9.24 3.70 16.80
CA GLY B 226 8.80 5.01 17.24
C GLY B 226 8.46 5.99 16.13
N ASP B 227 9.29 6.05 15.11
CA ASP B 227 8.88 6.79 13.92
C ASP B 227 7.51 6.29 13.49
N ALA B 228 6.53 7.20 13.54
CA ALA B 228 5.17 6.87 13.09
C ALA B 228 5.13 6.40 11.65
N GLY B 229 6.05 6.87 10.80
CA GLY B 229 6.06 6.36 9.43
C GLY B 229 6.40 4.89 9.28
N LEU B 230 6.84 4.23 10.37
CA LEU B 230 7.18 2.82 10.35
C LEU B 230 6.02 1.91 10.77
N LEU B 231 4.88 2.48 11.13
CA LEU B 231 3.66 1.68 11.14
C LEU B 231 3.40 1.11 9.75
N THR B 232 2.89 -0.11 9.70
CA THR B 232 2.46 -0.70 8.43
C THR B 232 1.10 -0.12 8.05
N LEU B 233 0.75 -0.25 6.75
CA LEU B 233 -0.58 0.15 6.27
C LEU B 233 -1.69 -0.53 7.08
N LYS B 234 -1.61 -1.86 7.17
CA LYS B 234 -2.58 -2.63 7.95
C LYS B 234 -2.56 -2.25 9.42
N GLY B 235 -1.37 -1.98 9.97
CA GLY B 235 -1.30 -1.43 11.32
C GLY B 235 -2.21 -0.24 11.48
N LEU B 236 -2.07 0.73 10.58
CA LEU B 236 -2.87 1.95 10.59
C LEU B 236 -4.36 1.64 10.48
N GLN B 237 -4.72 0.89 9.42
CA GLN B 237 -6.11 0.47 9.20
C GLN B 237 -6.70 -0.13 10.46
N GLN B 238 -5.96 -1.04 11.09
CA GLN B 238 -6.44 -1.65 12.33
C GLN B 238 -6.61 -0.63 13.46
N ILE B 239 -5.62 0.25 13.67
CA ILE B 239 -5.74 1.17 14.80
C ILE B 239 -6.80 2.23 14.49
N GLN B 240 -7.35 2.19 13.28
CA GLN B 240 -8.41 3.13 12.92
C GLN B 240 -9.80 2.54 13.00
N GLN B 241 -9.93 1.22 13.16
CA GLN B 241 -11.23 0.60 13.36
C GLN B 241 -11.39 0.12 14.79
N ALA B 242 -10.43 0.44 15.65
CA ALA B 242 -10.45 -0.08 17.01
C ALA B 242 -11.57 0.56 17.80
N ASP B 243 -12.23 -0.26 18.61
CA ASP B 243 -13.05 0.27 19.69
C ASP B 243 -12.18 0.73 20.83
N ILE B 244 -11.12 -0.02 21.10
CA ILE B 244 -10.33 0.15 22.30
C ILE B 244 -8.88 -0.17 21.97
N VAL B 245 -8.00 0.77 22.29
CA VAL B 245 -6.57 0.59 22.09
C VAL B 245 -5.92 0.45 23.46
N VAL B 246 -5.25 -0.68 23.66
CA VAL B 246 -4.45 -0.97 24.84
C VAL B 246 -3.00 -0.78 24.43
N TYR B 247 -2.33 0.20 25.04
CA TYR B 247 -0.97 0.56 24.63
C TYR B 247 -0.07 0.67 25.87
N ASP B 248 1.23 0.69 25.64
CA ASP B 248 2.15 0.25 26.68
C ASP B 248 3.31 1.17 26.99
N ARG B 249 3.40 2.38 26.40
CA ARG B 249 4.51 3.32 26.63
C ARG B 249 5.71 3.12 25.72
N LEU B 250 6.09 1.88 25.43
CA LEU B 250 7.02 1.79 24.29
C LEU B 250 6.32 2.06 22.97
N VAL B 251 5.08 2.54 23.04
CA VAL B 251 4.34 3.01 21.87
C VAL B 251 4.51 4.52 21.82
N SER B 252 5.16 5.00 20.77
CA SER B 252 5.46 6.42 20.65
C SER B 252 4.18 7.25 20.65
N ASP B 253 4.33 8.53 21.01
CA ASP B 253 3.18 9.43 20.94
C ASP B 253 2.74 9.67 19.51
N ASP B 254 3.68 9.61 18.55
CA ASP B 254 3.32 9.80 17.15
C ASP B 254 2.40 8.69 16.68
N ILE B 255 2.64 7.47 17.14
CA ILE B 255 1.76 6.38 16.76
C ILE B 255 0.41 6.56 17.43
N MET B 256 0.42 7.03 18.68
CA MET B 256 -0.85 7.19 19.36
C MET B 256 -1.69 8.27 18.71
N ASN B 257 -1.06 9.30 18.13
CA ASN B 257 -1.82 10.34 17.43
C ASN B 257 -2.64 9.78 16.28
N LEU B 258 -2.15 8.73 15.62
CA LEU B 258 -2.87 8.11 14.52
C LEU B 258 -4.08 7.33 14.99
N VAL B 259 -4.18 7.04 16.29
CA VAL B 259 -5.27 6.22 16.79
C VAL B 259 -6.59 6.93 16.56
N ARG B 260 -7.62 6.15 16.19
CA ARG B 260 -9.00 6.59 16.05
C ARG B 260 -9.35 7.65 17.10
N ARG B 261 -9.92 8.78 16.65
CA ARG B 261 -10.29 9.84 17.59
C ARG B 261 -11.32 9.38 18.62
N ASP B 262 -12.22 8.47 18.22
CA ASP B 262 -13.31 8.00 19.06
C ASP B 262 -13.04 6.67 19.75
N ALA B 263 -11.87 6.08 19.55
CA ALA B 263 -11.53 4.89 20.31
C ALA B 263 -11.26 5.24 21.76
N ASP B 264 -11.59 4.30 22.65
CA ASP B 264 -11.15 4.36 24.03
C ASP B 264 -9.69 3.94 24.15
N ARG B 265 -9.00 4.52 25.10
CA ARG B 265 -7.58 4.25 25.31
C ARG B 265 -7.39 3.72 26.71
N VAL B 266 -6.63 2.64 26.84
CA VAL B 266 -6.29 2.08 28.14
C VAL B 266 -4.77 2.00 28.18
N PHE B 267 -4.16 2.81 29.02
CA PHE B 267 -2.71 2.83 29.13
C PHE B 267 -2.30 1.77 30.16
N VAL B 268 -1.68 0.69 29.68
CA VAL B 268 -1.29 -0.44 30.50
C VAL B 268 0.19 -0.41 30.86
N GLY B 269 0.87 0.71 30.61
CA GLY B 269 2.30 0.81 30.80
C GLY B 269 2.73 1.06 32.23
N LYS B 270 3.97 1.52 32.38
CA LYS B 270 4.59 1.85 33.65
C LYS B 270 4.53 3.35 33.94
N ARG B 271 4.80 3.70 35.18
CA ARG B 271 4.82 5.10 35.62
C ARG B 271 5.81 5.23 36.77
N CYS B 276 3.48 -0.62 37.70
CA CYS B 276 4.03 -1.72 36.90
C CYS B 276 2.97 -2.81 36.74
N VAL B 277 2.13 -2.64 35.72
CA VAL B 277 1.05 -3.59 35.40
C VAL B 277 1.65 -4.96 35.09
N PRO B 278 1.44 -5.97 35.93
CA PRO B 278 1.96 -7.31 35.59
C PRO B 278 1.19 -7.91 34.42
N GLN B 279 1.82 -8.90 33.78
CA GLN B 279 1.35 -9.38 32.49
C GLN B 279 -0.08 -9.88 32.55
N GLU B 280 -0.44 -10.58 33.64
CA GLU B 280 -1.76 -11.22 33.72
C GLU B 280 -2.87 -10.18 33.63
N GLU B 281 -2.71 -9.06 34.35
CA GLU B 281 -3.69 -7.97 34.28
C GLU B 281 -3.96 -7.58 32.83
N ILE B 282 -2.89 -7.37 32.06
CA ILE B 282 -3.02 -7.10 30.63
C ILE B 282 -3.77 -8.22 29.94
N ASN B 283 -3.41 -9.46 30.27
CA ASN B 283 -3.98 -10.61 29.57
C ASN B 283 -5.50 -10.70 29.73
N GLN B 284 -6.05 -10.21 30.84
CA GLN B 284 -7.50 -10.21 31.00
C GLN B 284 -8.16 -8.90 30.61
N ILE B 285 -7.49 -7.75 30.75
CA ILE B 285 -7.99 -6.52 30.13
C ILE B 285 -8.36 -6.79 28.68
N LEU B 286 -7.43 -7.39 27.93
CA LEU B 286 -7.73 -7.75 26.54
C LEU B 286 -8.90 -8.70 26.48
N LEU B 287 -8.83 -9.78 27.28
CA LEU B 287 -9.90 -10.75 27.36
C LEU B 287 -11.22 -10.06 27.71
N ARG B 288 -11.23 -9.31 28.81
CA ARG B 288 -12.44 -8.63 29.25
C ARG B 288 -12.99 -7.71 28.16
N GLU B 289 -12.15 -6.80 27.64
CA GLU B 289 -12.64 -5.86 26.64
C GLU B 289 -13.15 -6.59 25.40
N ALA B 290 -12.59 -7.75 25.09
CA ALA B 290 -13.07 -8.48 23.94
C ALA B 290 -14.33 -9.28 24.28
N GLN B 291 -14.47 -9.71 25.54
CA GLN B 291 -15.71 -10.37 25.97
C GLN B 291 -16.90 -9.43 25.84
N LYS B 292 -16.68 -8.13 26.05
CA LYS B 292 -17.73 -7.12 25.93
C LYS B 292 -18.19 -6.93 24.49
N GLY B 293 -17.58 -7.62 23.53
CA GLY B 293 -17.95 -7.46 22.14
C GLY B 293 -17.32 -6.29 21.44
N LYS B 294 -16.14 -5.85 21.88
CA LYS B 294 -15.48 -4.69 21.32
C LYS B 294 -14.29 -5.10 20.44
N ARG B 295 -14.09 -4.36 19.37
CA ARG B 295 -12.93 -4.51 18.49
C ARG B 295 -11.69 -3.93 19.19
N VAL B 296 -10.85 -4.82 19.75
CA VAL B 296 -9.74 -4.43 20.61
C VAL B 296 -8.43 -4.45 19.82
N VAL B 297 -7.68 -3.35 19.88
CA VAL B 297 -6.32 -3.33 19.31
C VAL B 297 -5.34 -3.19 20.46
N ARG B 298 -4.41 -4.14 20.57
CA ARG B 298 -3.31 -4.08 21.54
C ARG B 298 -2.08 -3.57 20.80
N LEU B 299 -1.69 -2.33 21.09
CA LEU B 299 -0.52 -1.71 20.47
C LEU B 299 0.74 -2.06 21.25
N LYS B 300 1.78 -2.48 20.53
CA LYS B 300 3.06 -2.80 21.17
C LYS B 300 4.23 -2.22 20.39
N GLY B 301 5.22 -1.71 21.11
CA GLY B 301 6.44 -1.23 20.47
C GLY B 301 7.12 -2.29 19.61
N GLY B 302 7.64 -1.87 18.48
CA GLY B 302 8.36 -2.79 17.62
C GLY B 302 7.45 -3.81 16.98
N ASP B 303 7.83 -5.08 17.09
CA ASP B 303 7.10 -6.23 16.62
C ASP B 303 6.57 -7.03 17.82
N PRO B 304 5.30 -7.46 17.80
CA PRO B 304 4.72 -8.15 18.99
C PRO B 304 5.40 -9.48 19.39
N PHE B 305 5.95 -10.25 18.45
CA PHE B 305 6.47 -11.57 18.76
C PHE B 305 7.98 -11.60 19.02
N ILE B 306 8.63 -10.44 19.16
CA ILE B 306 10.07 -10.39 19.44
C ILE B 306 10.24 -9.74 20.79
N PHE B 307 10.43 -10.56 21.82
CA PHE B 307 10.54 -10.07 23.19
C PHE B 307 9.38 -9.14 23.57
N GLY B 308 8.19 -9.41 23.02
CA GLY B 308 7.04 -8.57 23.31
C GLY B 308 6.00 -9.25 24.17
N ARG B 309 6.20 -10.55 24.44
CA ARG B 309 5.24 -11.40 25.14
C ARG B 309 3.89 -11.44 24.42
N GLY B 310 3.91 -11.20 23.10
CA GLY B 310 2.66 -11.27 22.34
C GLY B 310 2.00 -12.62 22.45
N GLY B 311 2.78 -13.70 22.33
CA GLY B 311 2.21 -15.03 22.42
C GLY B 311 1.49 -15.27 23.73
N GLU B 312 2.08 -14.82 24.85
CA GLU B 312 1.40 -14.91 26.14
C GLU B 312 0.03 -14.25 26.08
N GLU B 313 -0.06 -13.09 25.44
CA GLU B 313 -1.29 -12.33 25.40
C GLU B 313 -2.33 -13.02 24.56
N LEU B 314 -1.92 -13.77 23.55
CA LEU B 314 -2.88 -14.53 22.73
C LEU B 314 -3.27 -15.85 23.37
N GLU B 315 -2.45 -16.40 24.27
CA GLU B 315 -2.79 -17.65 24.95
C GLU B 315 -4.09 -17.49 25.72
N THR B 316 -4.29 -16.32 26.32
CA THR B 316 -5.53 -16.03 27.04
C THR B 316 -6.74 -16.16 26.12
N LEU B 317 -6.74 -15.40 25.02
CA LEU B 317 -7.90 -15.29 24.14
C LEU B 317 -8.18 -16.55 23.35
N CYS B 318 -7.25 -17.50 23.31
CA CYS B 318 -7.34 -18.61 22.36
C CYS B 318 -8.57 -19.46 22.65
N HIS B 319 -8.65 -20.02 23.86
CA HIS B 319 -9.73 -20.94 24.22
C HIS B 319 -11.00 -20.23 24.72
N ALA B 320 -10.96 -18.90 24.87
CA ALA B 320 -12.17 -18.12 25.10
C ALA B 320 -13.00 -17.91 23.84
N GLY B 321 -12.59 -18.51 22.73
CA GLY B 321 -13.36 -18.38 21.50
C GLY B 321 -13.38 -16.99 20.94
N ILE B 322 -12.34 -16.22 21.22
CA ILE B 322 -12.23 -14.82 20.80
C ILE B 322 -11.30 -14.75 19.61
N PRO B 323 -11.76 -14.30 18.45
CA PRO B 323 -10.86 -14.22 17.29
C PRO B 323 -9.72 -13.22 17.53
N PHE B 324 -8.55 -13.57 17.01
CA PHE B 324 -7.41 -12.68 17.09
C PHE B 324 -6.64 -12.72 15.78
N SER B 325 -5.69 -11.81 15.67
CA SER B 325 -4.78 -11.76 14.55
C SER B 325 -3.57 -10.98 15.02
N VAL B 326 -2.50 -11.04 14.23
CA VAL B 326 -1.25 -10.35 14.55
C VAL B 326 -0.81 -9.55 13.34
N VAL B 327 -0.44 -8.30 13.56
CA VAL B 327 0.18 -7.49 12.53
C VAL B 327 1.63 -7.22 12.97
N PRO B 328 2.60 -7.85 12.34
CA PRO B 328 4.00 -7.62 12.73
C PRO B 328 4.37 -6.17 12.58
N GLY B 329 5.43 -5.78 13.31
CA GLY B 329 5.94 -4.43 13.29
C GLY B 329 7.44 -4.43 13.11
N ILE B 330 7.95 -3.25 12.78
CA ILE B 330 9.40 -3.06 12.63
C ILE B 330 10.03 -3.23 14.01
N THR B 331 10.82 -4.28 14.18
CA THR B 331 11.45 -4.48 15.47
C THR B 331 12.58 -3.47 15.65
N ALA B 332 12.97 -3.25 16.91
CA ALA B 332 14.01 -2.25 17.21
C ALA B 332 15.30 -2.54 16.46
N ALA B 333 15.65 -3.82 16.29
CA ALA B 333 16.88 -4.16 15.56
C ALA B 333 16.88 -3.53 14.17
N SER B 334 15.82 -3.79 13.38
CA SER B 334 15.70 -3.22 12.03
C SER B 334 15.67 -1.71 12.06
N GLY B 335 14.85 -1.15 12.97
CA GLY B 335 14.70 0.30 12.98
C GLY B 335 16.00 0.99 13.33
N CYS B 336 16.61 0.55 14.44
CA CYS B 336 17.90 1.10 14.84
C CYS B 336 18.96 0.83 13.79
N SER B 337 18.94 -0.36 13.18
CA SER B 337 19.92 -0.63 12.14
C SER B 337 19.76 0.35 10.98
N ALA B 338 18.51 0.63 10.55
CA ALA B 338 18.34 1.49 9.38
C ALA B 338 18.68 2.95 9.71
N TYR B 339 18.19 3.45 10.84
CA TYR B 339 18.36 4.86 11.19
C TYR B 339 19.73 5.16 11.79
N SER B 340 20.56 4.16 12.03
CA SER B 340 21.88 4.41 12.59
C SER B 340 23.00 4.20 11.59
N GLY B 341 22.69 3.66 10.40
CA GLY B 341 23.70 3.37 9.40
C GLY B 341 24.52 2.14 9.73
N ILE B 342 23.95 1.21 10.48
CA ILE B 342 24.60 -0.04 10.86
C ILE B 342 23.76 -1.19 10.35
N PRO B 343 24.09 -1.78 9.21
CA PRO B 343 23.32 -2.94 8.73
C PRO B 343 23.62 -4.15 9.60
N LEU B 344 22.56 -4.87 9.97
CA LEU B 344 22.74 -6.09 10.76
C LEU B 344 23.57 -7.15 10.00
N THR B 345 23.49 -7.18 8.68
CA THR B 345 24.38 -8.00 7.87
C THR B 345 25.01 -7.11 6.82
N HIS B 346 26.19 -7.52 6.35
CA HIS B 346 26.92 -6.85 5.28
C HIS B 346 28.02 -7.78 4.82
N ARG B 347 28.08 -8.02 3.51
CA ARG B 347 29.09 -8.90 2.93
C ARG B 347 29.34 -10.14 3.79
N ASP B 348 30.60 -10.48 3.96
CA ASP B 348 31.01 -11.59 4.82
C ASP B 348 31.14 -11.18 6.30
N TYR B 349 30.64 -10.02 6.70
CA TYR B 349 30.86 -9.57 8.08
C TYR B 349 30.19 -10.51 9.07
N ALA B 350 28.94 -10.90 8.82
CA ALA B 350 28.18 -11.69 9.78
C ALA B 350 27.37 -12.79 9.08
N GLN B 351 27.54 -14.03 9.54
CA GLN B 351 26.73 -15.12 9.04
C GLN B 351 25.35 -15.19 9.71
N SER B 352 25.16 -14.43 10.78
CA SER B 352 23.94 -14.51 11.55
C SER B 352 23.84 -13.29 12.43
N VAL B 353 22.60 -12.80 12.60
CA VAL B 353 22.26 -11.73 13.53
C VAL B 353 21.66 -12.37 14.77
N ARG B 354 22.11 -11.94 15.93
CA ARG B 354 21.57 -12.45 17.17
C ARG B 354 20.77 -11.37 17.88
N LEU B 355 19.47 -11.58 18.02
CA LEU B 355 18.61 -10.77 18.88
C LEU B 355 18.55 -11.43 20.26
N VAL B 356 19.11 -10.76 21.27
CA VAL B 356 19.32 -11.33 22.58
C VAL B 356 18.77 -10.41 23.66
N THR B 357 18.24 -11.01 24.72
CA THR B 357 17.65 -10.25 25.82
C THR B 357 18.66 -10.05 26.95
N GLY B 358 18.63 -8.86 27.55
CA GLY B 358 19.48 -8.56 28.70
C GLY B 358 19.10 -9.29 29.97
N GLY B 363 14.14 -17.51 34.78
CA GLY B 363 15.40 -17.69 35.49
C GLY B 363 16.47 -18.34 34.63
N GLY B 364 17.66 -17.77 34.62
CA GLY B 364 18.77 -18.35 33.87
C GLY B 364 19.82 -17.32 33.55
N GLU B 365 20.91 -17.82 32.97
CA GLU B 365 22.05 -17.04 32.54
C GLU B 365 22.19 -17.14 31.02
N LEU B 366 22.91 -16.19 30.43
CA LEU B 366 23.23 -16.22 29.00
C LEU B 366 24.52 -17.00 28.75
N ASP B 367 24.56 -17.69 27.60
CA ASP B 367 25.70 -18.53 27.23
C ASP B 367 26.78 -17.66 26.59
N TRP B 368 27.69 -17.14 27.43
CA TRP B 368 28.67 -16.16 26.97
C TRP B 368 29.64 -16.73 25.94
N GLU B 369 30.00 -18.01 26.08
CA GLU B 369 30.88 -18.61 25.10
C GLU B 369 30.27 -18.53 23.70
N ASN B 370 28.96 -18.80 23.61
CA ASN B 370 28.24 -18.73 22.33
C ASN B 370 28.11 -17.30 21.83
N LEU B 371 27.77 -16.36 22.72
CA LEU B 371 27.68 -14.96 22.31
C LEU B 371 29.00 -14.46 21.74
N ALA B 372 30.11 -15.04 22.18
CA ALA B 372 31.45 -14.56 21.86
C ALA B 372 31.94 -15.03 20.49
N ALA B 373 31.41 -16.15 19.97
CA ALA B 373 31.84 -16.67 18.68
C ALA B 373 31.81 -15.60 17.60
N GLU B 374 32.71 -15.74 16.62
CA GLU B 374 32.93 -14.77 15.56
C GLU B 374 31.82 -14.81 14.53
N LYS B 375 31.85 -13.83 13.60
CA LYS B 375 30.94 -13.77 12.45
C LYS B 375 29.46 -13.72 12.88
N GLN B 376 29.20 -12.94 13.94
CA GLN B 376 27.85 -12.59 14.37
C GLN B 376 27.71 -11.08 14.53
N THR B 377 26.49 -10.61 14.32
CA THR B 377 26.05 -9.31 14.80
C THR B 377 25.21 -9.58 16.02
N LEU B 378 25.66 -9.11 17.18
CA LEU B 378 24.89 -9.26 18.41
C LEU B 378 24.05 -8.03 18.65
N VAL B 379 22.77 -8.23 18.97
CA VAL B 379 21.84 -7.13 19.21
C VAL B 379 21.18 -7.38 20.56
N PHE B 380 21.50 -6.54 21.55
CA PHE B 380 21.03 -6.73 22.93
C PHE B 380 19.80 -5.88 23.19
N TYR B 381 18.66 -6.56 23.34
CA TYR B 381 17.42 -5.95 23.80
C TYR B 381 17.39 -5.88 25.32
N MET B 382 16.87 -4.78 25.85
CA MET B 382 16.69 -4.64 27.30
C MET B 382 17.99 -4.91 28.08
N GLY B 383 19.15 -4.61 27.50
CA GLY B 383 20.41 -4.96 28.12
C GLY B 383 21.19 -3.80 28.70
N LEU B 384 20.59 -2.62 28.82
CA LEU B 384 21.33 -1.47 29.33
C LEU B 384 21.84 -1.73 30.75
N ASN B 385 21.07 -2.44 31.57
CA ASN B 385 21.54 -2.75 32.91
C ASN B 385 22.82 -3.58 32.86
N GLN B 386 22.76 -4.73 32.22
CA GLN B 386 23.83 -5.70 32.13
C GLN B 386 25.02 -5.22 31.25
N ALA B 387 25.02 -3.97 30.79
CA ALA B 387 26.01 -3.54 29.80
C ALA B 387 27.45 -3.75 30.28
N ALA B 388 27.68 -3.77 31.59
CA ALA B 388 29.03 -3.93 32.11
C ALA B 388 29.42 -5.40 32.20
N THR B 389 28.54 -6.23 32.77
CA THR B 389 28.72 -7.68 32.74
C THR B 389 28.96 -8.17 31.32
N ILE B 390 28.14 -7.68 30.38
CA ILE B 390 28.28 -8.04 28.98
C ILE B 390 29.69 -7.78 28.50
N GLN B 391 30.14 -6.53 28.65
CA GLN B 391 31.49 -6.14 28.29
C GLN B 391 32.50 -7.08 28.92
N GLU B 392 32.41 -7.24 30.25
CA GLU B 392 33.34 -8.10 30.96
C GLU B 392 33.36 -9.50 30.39
N LYS B 393 32.19 -10.16 30.34
CA LYS B 393 32.16 -11.58 30.03
C LYS B 393 32.44 -11.84 28.55
N LEU B 394 32.14 -10.89 27.66
CA LEU B 394 32.49 -11.09 26.25
C LEU B 394 34.01 -11.09 26.04
N ILE B 395 34.73 -10.18 26.71
CA ILE B 395 36.19 -10.20 26.60
C ILE B 395 36.76 -11.45 27.27
N ALA B 396 36.26 -11.76 28.47
CA ALA B 396 36.70 -12.97 29.16
C ALA B 396 36.56 -14.22 28.30
N PHE B 397 35.45 -14.33 27.57
CA PHE B 397 35.21 -15.48 26.71
C PHE B 397 35.70 -15.26 25.28
N GLY B 398 36.63 -14.34 25.06
CA GLY B 398 37.49 -14.42 23.90
C GLY B 398 37.18 -13.49 22.76
N MET B 399 36.15 -12.66 22.89
CA MET B 399 35.85 -11.70 21.83
C MET B 399 36.93 -10.62 21.78
N GLN B 400 37.44 -10.36 20.58
CA GLN B 400 38.54 -9.44 20.43
C GLN B 400 38.18 -8.05 20.97
N ALA B 401 39.14 -7.46 21.69
CA ALA B 401 38.85 -6.28 22.50
C ALA B 401 38.55 -5.06 21.67
N ASP B 402 38.99 -5.05 20.40
CA ASP B 402 38.75 -3.93 19.50
C ASP B 402 37.40 -4.02 18.78
N MET B 403 36.53 -4.93 19.20
CA MET B 403 35.26 -5.12 18.50
C MET B 403 34.39 -3.88 18.62
N PRO B 404 34.07 -3.21 17.51
CA PRO B 404 33.12 -2.09 17.53
C PRO B 404 31.82 -2.42 18.25
N VAL B 405 31.34 -1.44 19.01
CA VAL B 405 30.05 -1.52 19.70
C VAL B 405 29.29 -0.25 19.38
N ALA B 406 27.96 -0.31 19.47
CA ALA B 406 27.16 0.89 19.37
C ALA B 406 25.91 0.71 20.23
N LEU B 407 25.44 1.83 20.78
CA LEU B 407 24.20 1.85 21.54
C LEU B 407 23.27 2.82 20.85
N VAL B 408 22.08 2.35 20.47
CA VAL B 408 21.09 3.22 19.84
C VAL B 408 19.92 3.43 20.80
N GLU B 409 19.68 4.70 21.14
CA GLU B 409 18.67 5.10 22.12
C GLU B 409 17.54 5.81 21.40
N ASN B 410 16.30 5.34 21.62
CA ASN B 410 15.15 5.92 20.94
C ASN B 410 15.33 5.92 19.43
N GLY B 411 15.84 4.80 18.92
CA GLY B 411 16.07 4.67 17.50
C GLY B 411 14.82 4.98 16.72
N THR B 412 14.97 5.73 15.62
CA THR B 412 13.99 6.09 14.58
C THR B 412 13.22 7.31 15.03
N SER B 413 13.46 7.82 16.23
CA SER B 413 12.73 8.97 16.72
C SER B 413 13.54 10.25 16.50
N VAL B 414 12.84 11.39 16.59
CA VAL B 414 13.48 12.68 16.32
C VAL B 414 14.49 13.05 17.40
N LYS B 415 14.67 12.18 18.40
CA LYS B 415 15.65 12.39 19.46
C LYS B 415 16.57 11.18 19.62
N GLN B 416 16.70 10.35 18.59
CA GLN B 416 17.60 9.21 18.64
C GLN B 416 19.04 9.66 18.87
N ARG B 417 19.76 8.93 19.74
CA ARG B 417 21.16 9.18 20.02
CA ARG B 417 21.16 9.19 20.00
C ARG B 417 21.95 7.91 19.80
N VAL B 418 23.03 8.02 19.02
CA VAL B 418 23.94 6.92 18.75
C VAL B 418 25.28 7.29 19.36
N VAL B 419 25.71 6.49 20.32
CA VAL B 419 27.08 6.57 20.84
C VAL B 419 27.77 5.25 20.54
N HIS B 420 28.99 5.32 20.00
CA HIS B 420 29.70 4.14 19.55
C HIS B 420 31.17 4.22 19.95
N GLY B 421 31.82 3.06 19.94
CA GLY B 421 33.24 2.93 20.22
C GLY B 421 33.72 1.51 20.04
N VAL B 422 34.23 0.92 21.11
CA VAL B 422 34.94 -0.37 21.09
C VAL B 422 34.63 -1.13 22.38
N LEU B 423 34.57 -2.47 22.27
CA LEU B 423 34.17 -3.36 23.37
C LEU B 423 34.76 -2.94 24.72
N THR B 424 35.99 -2.42 24.72
CA THR B 424 36.58 -1.92 25.95
C THR B 424 35.70 -0.86 26.62
N GLN B 425 35.00 -0.05 25.82
CA GLN B 425 34.27 1.09 26.31
C GLN B 425 32.78 0.82 26.45
N LEU B 426 32.36 -0.45 26.43
CA LEU B 426 30.92 -0.73 26.36
C LEU B 426 30.21 -0.26 27.62
N GLY B 427 30.67 -0.70 28.78
CA GLY B 427 29.98 -0.36 30.02
C GLY B 427 29.83 1.13 30.24
N GLU B 428 30.88 1.90 29.90
CA GLU B 428 30.82 3.35 30.10
C GLU B 428 30.05 4.06 28.99
N LEU B 429 30.09 3.53 27.76
CA LEU B 429 29.23 4.07 26.70
C LEU B 429 27.76 3.91 27.03
N ALA B 430 27.41 2.98 27.92
CA ALA B 430 26.02 2.77 28.32
C ALA B 430 25.51 3.87 29.24
N GLN B 431 26.35 4.39 30.13
CA GLN B 431 25.89 5.46 31.02
C GLN B 431 25.40 6.67 30.25
N GLN B 432 25.88 6.86 29.02
CA GLN B 432 25.47 7.96 28.15
C GLN B 432 24.09 7.78 27.53
N VAL B 433 23.43 6.63 27.73
CA VAL B 433 22.16 6.40 27.09
C VAL B 433 21.14 5.91 28.10
N GLU B 434 19.88 6.18 27.80
CA GLU B 434 18.75 5.81 28.61
C GLU B 434 17.87 4.79 27.87
N SER B 435 17.12 4.00 28.63
CA SER B 435 16.14 3.12 28.02
C SER B 435 15.07 3.96 27.30
N PRO B 436 14.57 3.51 26.14
CA PRO B 436 14.89 2.28 25.41
C PRO B 436 16.14 2.40 24.56
N ALA B 437 17.05 1.42 24.71
CA ALA B 437 18.30 1.40 23.96
C ALA B 437 18.69 -0.02 23.55
N LEU B 438 19.24 -0.13 22.35
CA LEU B 438 19.79 -1.36 21.82
C LEU B 438 21.31 -1.31 21.89
N ILE B 439 21.93 -2.45 22.20
CA ILE B 439 23.37 -2.61 22.11
C ILE B 439 23.66 -3.49 20.90
N ILE B 440 24.48 -2.96 19.99
CA ILE B 440 24.93 -3.66 18.79
C ILE B 440 26.41 -3.96 18.93
N VAL B 441 26.78 -5.23 18.84
CA VAL B 441 28.17 -5.68 18.87
C VAL B 441 28.48 -6.39 17.56
N GLY B 442 29.52 -5.94 16.88
CA GLY B 442 29.94 -6.62 15.66
C GLY B 442 30.62 -5.66 14.70
N ARG B 443 31.29 -6.27 13.72
CA ARG B 443 32.06 -5.48 12.75
C ARG B 443 31.17 -4.63 11.86
N VAL B 444 29.87 -4.95 11.74
CA VAL B 444 28.99 -4.10 10.96
C VAL B 444 28.96 -2.69 11.50
N VAL B 445 29.18 -2.52 12.82
CA VAL B 445 29.08 -1.23 13.51
C VAL B 445 29.97 -0.20 12.85
N ALA B 446 31.10 -0.64 12.31
CA ALA B 446 32.07 0.27 11.71
C ALA B 446 31.55 0.93 10.45
N LEU B 447 30.53 0.37 9.81
CA LEU B 447 30.00 1.04 8.62
C LEU B 447 29.25 2.31 8.95
N ARG B 448 29.05 2.59 10.25
CA ARG B 448 28.23 3.72 10.65
C ARG B 448 28.74 5.03 10.05
N ASP B 449 30.06 5.24 10.09
CA ASP B 449 30.56 6.54 9.62
C ASP B 449 30.47 6.68 8.12
N LYS B 450 30.24 5.59 7.39
CA LYS B 450 29.98 5.67 5.97
C LYS B 450 28.49 5.65 5.61
N LEU B 451 27.61 5.14 6.50
CA LEU B 451 26.21 4.98 6.16
C LEU B 451 25.26 5.75 7.07
N ASN B 452 25.77 6.55 7.98
CA ASN B 452 24.94 7.40 8.83
C ASN B 452 24.29 8.50 7.99
N TRP B 453 23.01 8.32 7.66
CA TRP B 453 22.22 9.31 6.95
C TRP B 453 21.23 10.06 7.85
N PHE B 454 20.77 9.45 8.95
CA PHE B 454 19.97 10.16 9.93
C PHE B 454 20.81 11.21 10.62
N SER B 455 20.15 12.10 11.36
CA SER B 455 20.86 13.14 12.11
C SER B 455 20.95 12.74 13.58
N ASN B 456 22.17 12.77 14.12
CA ASN B 456 22.39 12.37 15.51
C ASN B 456 22.07 13.53 16.44
N HIS B 457 21.50 13.20 17.59
CA HIS B 457 20.98 14.19 18.52
C HIS B 457 21.62 14.05 19.90
#